data_1TUI
#
_entry.id   1TUI
#
_cell.length_a   175.900
_cell.length_b   175.900
_cell.length_c   223.800
_cell.angle_alpha   90.00
_cell.angle_beta   90.00
_cell.angle_gamma   120.00
#
_symmetry.space_group_name_H-M   'P 63 2 2'
#
loop_
_entity.id
_entity.type
_entity.pdbx_description
1 polymer 'ELONGATION FACTOR TU'
2 non-polymer 'MAGNESIUM ION'
3 non-polymer "GUANOSINE-5'-DIPHOSPHATE"
4 water water
#
_entity_poly.entity_id   1
_entity_poly.type   'polypeptide(L)'
_entity_poly.pdbx_seq_one_letter_code
;AKGEFIRTKPHVNVGTIGHVDHGKTTLTAALTYVAAAENPNVEVKDYGDIDKAPEERARGITINTAHVEYETAKRHYSHV
DCPGHADYIKNMITGAAQMDGAILVVSAADGPMPQTREHILLARQVGVPYIVVFMNKVDMVDDPELLDLVEMEVRDLLNQ
YEFPGDEVPVIRGSALLALEEMHKNPKTKRGENEWVDKIWELLDAIDEYIPTPVRDVDKPFLMPVEDVFTITGRGTVATG
RIERGKVKVGDEVEIVGLAPETRKTVVTGVEMHRKTLQEGIAGDNVGLLLRGVSREEVERGQVLAKPGSITPHTKFEASV
YILKKEEGGRHTGFFTGYRPQFYFRTTDVTGVVRLPQGVEMVMPGDNVTFTVELIKPVALEEGLRFAIREGGRTVGAGVV
TKILE
;
_entity_poly.pdbx_strand_id   A,B,C
#
loop_
_chem_comp.id
_chem_comp.type
_chem_comp.name
_chem_comp.formula
GDP RNA linking GUANOSINE-5'-DIPHOSPHATE 'C10 H15 N5 O11 P2'
MG non-polymer 'MAGNESIUM ION' 'Mg 2'
#
# COMPACT_ATOMS: atom_id res chain seq x y z
N LYS A 9 -12.74 -23.77 14.88
CA LYS A 9 -13.15 -25.13 14.40
C LYS A 9 -13.17 -25.22 12.87
N PRO A 10 -12.03 -25.57 12.29
CA PRO A 10 -11.82 -25.50 10.87
C PRO A 10 -12.95 -26.09 10.02
N HIS A 11 -13.12 -25.50 8.84
CA HIS A 11 -14.22 -25.91 8.02
C HIS A 11 -13.70 -26.70 6.88
N VAL A 12 -14.34 -27.85 6.66
CA VAL A 12 -13.97 -28.75 5.59
C VAL A 12 -15.08 -29.19 4.75
N ASN A 13 -14.74 -29.39 3.48
CA ASN A 13 -15.70 -29.78 2.43
C ASN A 13 -15.55 -31.21 1.96
N VAL A 14 -16.63 -31.98 2.07
CA VAL A 14 -16.61 -33.39 1.71
C VAL A 14 -17.87 -33.74 1.00
N GLY A 15 -18.04 -35.03 0.78
CA GLY A 15 -19.26 -35.50 0.17
C GLY A 15 -19.06 -36.95 -0.12
N THR A 16 -20.19 -37.57 -0.44
CA THR A 16 -20.27 -38.98 -0.78
C THR A 16 -20.17 -39.18 -2.30
N ILE A 17 -19.33 -40.14 -2.75
CA ILE A 17 -19.30 -40.55 -4.17
C ILE A 17 -19.45 -42.03 -4.16
N GLY A 18 -19.63 -42.61 -5.33
CA GLY A 18 -19.77 -44.06 -5.44
C GLY A 18 -20.93 -44.42 -6.36
N HIS A 19 -21.06 -45.69 -6.64
CA HIS A 19 -22.09 -46.18 -7.52
C HIS A 19 -23.49 -45.91 -7.12
N VAL A 20 -24.37 -46.09 -8.05
CA VAL A 20 -25.74 -45.89 -7.74
C VAL A 20 -26.20 -46.97 -6.82
N ASP A 21 -27.03 -46.56 -5.89
CA ASP A 21 -27.76 -47.42 -5.02
C ASP A 21 -26.97 -48.03 -3.85
N HIS A 22 -25.66 -47.75 -3.88
CA HIS A 22 -24.75 -48.15 -2.85
C HIS A 22 -25.07 -47.53 -1.53
N GLY A 23 -25.78 -46.39 -1.57
CA GLY A 23 -26.33 -45.73 -0.37
C GLY A 23 -25.59 -44.51 0.10
N LYS A 24 -25.16 -43.71 -0.84
CA LYS A 24 -24.48 -42.53 -0.46
C LYS A 24 -25.43 -41.61 0.29
N THR A 25 -26.69 -41.67 -0.03
CA THR A 25 -27.64 -40.72 0.57
C THR A 25 -28.10 -41.12 1.98
N THR A 26 -28.49 -42.38 2.15
CA THR A 26 -28.83 -42.91 3.45
C THR A 26 -27.65 -42.68 4.40
N LEU A 27 -26.43 -43.01 4.02
CA LEU A 27 -25.28 -42.72 4.93
C LEU A 27 -25.20 -41.20 5.16
N THR A 28 -25.70 -40.42 4.22
CA THR A 28 -25.54 -39.00 4.43
C THR A 28 -26.43 -38.55 5.59
N ALA A 29 -27.60 -39.14 5.68
CA ALA A 29 -28.56 -38.70 6.67
C ALA A 29 -28.15 -39.19 8.04
N ALA A 30 -27.41 -40.26 8.06
CA ALA A 30 -27.00 -40.86 9.30
C ALA A 30 -25.94 -39.98 9.95
N LEU A 31 -24.98 -39.53 9.16
CA LEU A 31 -23.95 -38.69 9.68
C LEU A 31 -24.58 -37.53 10.42
N THR A 32 -25.65 -36.97 9.86
CA THR A 32 -26.24 -35.83 10.53
C THR A 32 -26.77 -36.27 11.86
N TYR A 33 -27.71 -37.15 11.83
CA TYR A 33 -28.25 -37.55 13.08
C TYR A 33 -27.23 -38.12 14.06
N VAL A 34 -26.17 -38.73 13.59
CA VAL A 34 -25.33 -39.36 14.58
C VAL A 34 -24.53 -38.30 15.19
N ALA A 35 -23.92 -37.47 14.38
CA ALA A 35 -23.02 -36.48 14.95
C ALA A 35 -23.76 -35.45 15.76
N ALA A 36 -25.06 -35.39 15.48
CA ALA A 36 -25.86 -34.40 16.14
C ALA A 36 -25.77 -34.59 17.64
N ALA A 37 -25.96 -35.85 18.03
CA ALA A 37 -25.99 -36.27 19.42
C ALA A 37 -24.95 -35.61 20.27
N GLU A 38 -23.72 -35.63 19.80
CA GLU A 38 -22.68 -34.95 20.52
C GLU A 38 -22.57 -33.47 20.10
N ASN A 39 -23.34 -33.02 19.09
CA ASN A 39 -23.28 -31.60 18.66
C ASN A 39 -24.58 -30.83 18.43
N PRO A 40 -25.55 -31.00 19.32
CA PRO A 40 -26.84 -30.32 19.34
C PRO A 40 -27.14 -29.24 18.31
N ASN A 41 -26.14 -28.47 17.95
CA ASN A 41 -26.29 -27.43 16.93
C ASN A 41 -26.79 -28.13 15.68
N VAL A 42 -25.85 -28.89 15.10
CA VAL A 42 -25.99 -29.75 13.95
C VAL A 42 -27.44 -30.02 13.54
N GLU A 43 -27.80 -29.65 12.31
CA GLU A 43 -29.19 -29.91 11.90
C GLU A 43 -29.41 -31.27 11.18
N VAL A 44 -30.18 -32.11 11.83
CA VAL A 44 -30.41 -33.43 11.38
C VAL A 44 -31.29 -33.41 10.12
N LYS A 45 -30.95 -34.20 9.11
CA LYS A 45 -31.78 -34.24 7.90
C LYS A 45 -32.10 -35.66 7.65
N ASP A 46 -33.22 -35.95 6.99
CA ASP A 46 -33.45 -37.34 6.55
C ASP A 46 -33.28 -37.65 5.06
N TYR A 47 -33.37 -38.94 4.77
CA TYR A 47 -33.26 -39.52 3.45
C TYR A 47 -33.99 -38.76 2.38
N GLY A 48 -35.32 -38.75 2.48
CA GLY A 48 -36.15 -38.07 1.50
C GLY A 48 -35.69 -36.64 1.14
N ASP A 49 -35.38 -35.83 2.16
CA ASP A 49 -34.94 -34.46 1.92
C ASP A 49 -33.67 -34.51 1.12
N ILE A 50 -32.64 -35.23 1.58
CA ILE A 50 -31.39 -35.32 0.84
C ILE A 50 -31.65 -36.02 -0.44
N ASP A 51 -32.60 -36.93 -0.43
CA ASP A 51 -32.85 -37.61 -1.68
C ASP A 51 -33.34 -36.70 -2.81
N LYS A 52 -33.96 -35.56 -2.44
CA LYS A 52 -34.46 -34.69 -3.45
C LYS A 52 -33.67 -33.44 -3.60
N ALA A 53 -32.52 -33.60 -4.29
CA ALA A 53 -31.64 -32.45 -4.48
C ALA A 53 -32.24 -31.37 -5.36
N PRO A 54 -31.88 -30.14 -5.11
CA PRO A 54 -32.31 -29.05 -5.96
C PRO A 54 -31.36 -28.96 -7.11
N GLU A 55 -31.69 -28.12 -8.07
CA GLU A 55 -30.78 -27.88 -9.15
C GLU A 55 -29.73 -26.82 -8.76
N GLU A 56 -28.68 -26.67 -9.55
CA GLU A 56 -27.72 -25.66 -9.24
C GLU A 56 -27.26 -25.34 -10.60
N ARG A 57 -27.02 -24.06 -10.89
CA ARG A 57 -26.50 -23.64 -12.16
C ARG A 57 -25.01 -23.28 -11.96
N ALA A 58 -24.13 -24.01 -12.65
CA ALA A 58 -22.71 -23.87 -12.51
C ALA A 58 -22.02 -23.85 -13.86
N ARG A 59 -21.52 -22.68 -14.26
CA ARG A 59 -20.84 -22.62 -15.50
C ARG A 59 -21.94 -22.81 -16.63
N GLY A 60 -23.22 -22.56 -16.34
CA GLY A 60 -24.24 -22.68 -17.38
C GLY A 60 -24.95 -24.04 -17.35
N ILE A 61 -24.33 -24.95 -16.58
CA ILE A 61 -24.83 -26.34 -16.42
C ILE A 61 -25.72 -26.49 -15.16
N THR A 62 -26.72 -27.39 -15.25
CA THR A 62 -27.54 -27.66 -14.08
C THR A 62 -27.19 -28.97 -13.38
N ILE A 63 -26.99 -28.93 -12.05
CA ILE A 63 -26.60 -30.08 -11.27
C ILE A 63 -27.48 -30.23 -10.03
N ASN A 64 -28.26 -31.31 -10.00
CA ASN A 64 -28.97 -31.64 -8.79
C ASN A 64 -27.91 -31.92 -7.74
N THR A 65 -27.96 -31.11 -6.70
CA THR A 65 -26.99 -31.21 -5.66
C THR A 65 -27.61 -31.01 -4.30
N ALA A 66 -27.23 -31.86 -3.36
CA ALA A 66 -27.74 -31.77 -2.00
C ALA A 66 -26.62 -31.53 -1.03
N HIS A 67 -26.92 -30.61 -0.11
CA HIS A 67 -25.98 -30.19 0.90
C HIS A 67 -26.42 -30.50 2.34
N VAL A 68 -25.42 -30.58 3.19
CA VAL A 68 -25.65 -30.95 4.53
C VAL A 68 -24.41 -30.55 5.29
N GLU A 69 -24.63 -30.17 6.53
CA GLU A 69 -23.56 -29.73 7.41
C GLU A 69 -23.60 -30.55 8.70
N TYR A 70 -22.43 -31.01 9.17
CA TYR A 70 -22.37 -31.72 10.47
C TYR A 70 -21.06 -31.33 11.11
N GLU A 71 -20.94 -31.62 12.43
CA GLU A 71 -19.80 -31.19 13.27
C GLU A 71 -19.25 -32.36 14.05
N THR A 72 -17.95 -32.40 14.14
CA THR A 72 -17.33 -33.38 14.97
C THR A 72 -16.69 -32.46 15.98
N ALA A 73 -15.95 -33.06 16.91
CA ALA A 73 -15.15 -32.28 17.82
C ALA A 73 -14.16 -31.47 17.05
N LYS A 74 -13.41 -32.13 16.19
CA LYS A 74 -12.41 -31.47 15.37
C LYS A 74 -12.97 -30.45 14.36
N ARG A 75 -14.09 -30.73 13.69
CA ARG A 75 -14.55 -29.77 12.70
C ARG A 75 -15.97 -29.55 12.38
N HIS A 76 -16.01 -28.72 11.34
CA HIS A 76 -17.20 -28.31 10.60
C HIS A 76 -17.03 -28.72 9.12
N TYR A 77 -17.90 -29.63 8.74
CA TYR A 77 -17.90 -30.24 7.46
C TYR A 77 -19.18 -29.79 6.83
N SER A 78 -19.06 -29.30 5.61
CA SER A 78 -20.24 -29.06 4.77
C SER A 78 -20.09 -30.21 3.75
N HIS A 79 -21.18 -30.93 3.50
CA HIS A 79 -21.13 -32.20 2.80
C HIS A 79 -22.12 -32.34 1.70
N VAL A 80 -21.62 -32.61 0.48
CA VAL A 80 -22.48 -32.79 -0.71
C VAL A 80 -22.84 -34.22 -0.98
N ASP A 81 -23.94 -34.36 -1.70
CA ASP A 81 -24.42 -35.62 -2.14
C ASP A 81 -25.34 -35.31 -3.30
N CYS A 82 -25.08 -35.94 -4.45
CA CYS A 82 -25.94 -35.83 -5.62
C CYS A 82 -26.56 -37.15 -5.96
N PRO A 83 -27.67 -37.01 -6.65
CA PRO A 83 -28.57 -38.06 -7.02
C PRO A 83 -28.15 -38.92 -8.17
N GLY A 84 -27.54 -38.35 -9.22
CA GLY A 84 -27.22 -39.15 -10.40
C GLY A 84 -25.75 -39.12 -10.79
N HIS A 85 -25.36 -40.19 -11.49
CA HIS A 85 -23.96 -40.36 -11.86
C HIS A 85 -23.59 -39.14 -12.67
N ALA A 86 -24.54 -38.65 -13.45
CA ALA A 86 -24.20 -37.44 -14.23
C ALA A 86 -23.87 -36.28 -13.29
N ASP A 87 -24.73 -36.13 -12.27
CA ASP A 87 -24.58 -35.05 -11.33
C ASP A 87 -23.15 -35.07 -10.83
N TYR A 88 -22.65 -36.27 -10.52
CA TYR A 88 -21.26 -36.34 -10.06
C TYR A 88 -20.19 -35.89 -11.04
N ILE A 89 -20.34 -36.33 -12.28
CA ILE A 89 -19.36 -35.99 -13.29
C ILE A 89 -19.34 -34.45 -13.40
N LYS A 90 -20.54 -33.85 -13.54
CA LYS A 90 -20.68 -32.39 -13.71
C LYS A 90 -20.10 -31.67 -12.54
N ASN A 91 -20.68 -31.93 -11.38
CA ASN A 91 -20.22 -31.34 -10.15
C ASN A 91 -18.72 -31.35 -10.02
N MET A 92 -18.16 -32.53 -10.01
CA MET A 92 -16.75 -32.63 -9.75
C MET A 92 -15.92 -31.84 -10.69
N ILE A 93 -16.44 -31.65 -11.88
CA ILE A 93 -15.66 -31.01 -12.90
C ILE A 93 -15.75 -29.54 -12.89
N THR A 94 -16.98 -29.04 -12.82
CA THR A 94 -17.16 -27.61 -12.84
C THR A 94 -16.77 -27.20 -11.45
N GLY A 95 -16.57 -28.19 -10.58
CA GLY A 95 -16.20 -27.92 -9.18
C GLY A 95 -17.21 -26.98 -8.53
N ALA A 96 -18.50 -27.32 -8.64
CA ALA A 96 -19.55 -26.52 -8.06
C ALA A 96 -19.19 -26.32 -6.58
N ALA A 97 -18.95 -27.48 -5.96
CA ALA A 97 -18.48 -27.64 -4.57
C ALA A 97 -17.17 -28.46 -4.61
N GLN A 98 -16.11 -27.92 -4.02
CA GLN A 98 -14.82 -28.63 -4.04
C GLN A 98 -14.47 -29.50 -2.86
N MET A 99 -14.35 -30.79 -3.12
CA MET A 99 -14.07 -31.72 -2.08
C MET A 99 -12.69 -31.57 -1.56
N ASP A 100 -12.63 -31.53 -0.24
CA ASP A 100 -11.36 -31.47 0.45
C ASP A 100 -10.96 -32.89 0.72
N GLY A 101 -11.99 -33.73 0.78
CA GLY A 101 -11.88 -35.17 0.91
C GLY A 101 -13.24 -35.73 0.49
N ALA A 102 -13.27 -37.02 0.17
CA ALA A 102 -14.55 -37.59 -0.22
C ALA A 102 -14.71 -38.86 0.50
N ILE A 103 -15.96 -39.19 0.74
CA ILE A 103 -16.29 -40.47 1.33
C ILE A 103 -16.86 -41.35 0.24
N LEU A 104 -16.08 -42.36 -0.16
CA LEU A 104 -16.48 -43.33 -1.15
C LEU A 104 -17.30 -44.45 -0.59
N VAL A 105 -18.56 -44.56 -0.97
CA VAL A 105 -19.43 -45.67 -0.50
C VAL A 105 -19.58 -46.82 -1.50
N VAL A 106 -19.39 -48.05 -1.02
CA VAL A 106 -19.50 -49.26 -1.83
C VAL A 106 -20.41 -50.34 -1.23
N SER A 107 -21.27 -50.96 -2.02
CA SER A 107 -22.16 -52.03 -1.55
C SER A 107 -21.30 -53.26 -1.28
N ALA A 108 -21.45 -53.75 -0.02
CA ALA A 108 -20.78 -54.94 0.45
C ALA A 108 -21.34 -56.14 -0.33
N ALA A 109 -22.58 -56.02 -0.79
CA ALA A 109 -23.16 -57.09 -1.55
C ALA A 109 -22.58 -57.13 -2.94
N ASP A 110 -22.24 -55.96 -3.51
CA ASP A 110 -21.84 -55.99 -4.89
C ASP A 110 -20.48 -55.69 -5.15
N GLY A 111 -19.79 -55.10 -4.20
CA GLY A 111 -18.43 -54.70 -4.45
C GLY A 111 -18.43 -53.42 -5.29
N PRO A 112 -17.24 -52.96 -5.68
CA PRO A 112 -17.14 -51.77 -6.47
C PRO A 112 -17.81 -52.02 -7.75
N MET A 113 -18.26 -50.93 -8.35
CA MET A 113 -18.92 -51.04 -9.62
C MET A 113 -18.47 -49.94 -10.55
N PRO A 114 -19.07 -49.87 -11.70
CA PRO A 114 -18.53 -49.02 -12.74
C PRO A 114 -18.46 -47.61 -12.34
N GLN A 115 -19.56 -47.08 -11.80
CA GLN A 115 -19.51 -45.66 -11.41
C GLN A 115 -18.50 -45.55 -10.30
N THR A 116 -18.42 -46.61 -9.49
CA THR A 116 -17.45 -46.71 -8.41
C THR A 116 -16.06 -46.42 -8.91
N ARG A 117 -15.70 -47.14 -9.94
CA ARG A 117 -14.41 -46.91 -10.57
C ARG A 117 -14.34 -45.53 -11.23
N GLU A 118 -15.47 -45.10 -11.81
CA GLU A 118 -15.43 -43.81 -12.47
C GLU A 118 -15.08 -42.69 -11.52
N HIS A 119 -15.83 -42.62 -10.42
CA HIS A 119 -15.63 -41.64 -9.37
C HIS A 119 -14.24 -41.58 -8.83
N ILE A 120 -13.62 -42.73 -8.69
CA ILE A 120 -12.21 -42.73 -8.25
C ILE A 120 -11.34 -41.99 -9.21
N LEU A 121 -11.46 -42.38 -10.47
CA LEU A 121 -10.67 -41.71 -11.48
C LEU A 121 -10.88 -40.17 -11.49
N LEU A 122 -12.13 -39.72 -11.58
CA LEU A 122 -12.42 -38.31 -11.59
C LEU A 122 -11.81 -37.67 -10.37
N ALA A 123 -12.18 -38.19 -9.19
CA ALA A 123 -11.66 -37.69 -7.91
C ALA A 123 -10.19 -37.55 -8.02
N ARG A 124 -9.56 -38.47 -8.70
CA ARG A 124 -8.16 -38.22 -8.94
C ARG A 124 -7.90 -37.11 -9.97
N GLN A 125 -8.67 -37.07 -11.07
CA GLN A 125 -8.34 -35.99 -12.03
C GLN A 125 -8.59 -34.67 -11.40
N VAL A 126 -9.76 -34.58 -10.85
CA VAL A 126 -10.24 -33.36 -10.24
C VAL A 126 -9.45 -32.99 -9.01
N GLY A 127 -8.58 -33.88 -8.55
CA GLY A 127 -7.71 -33.51 -7.46
C GLY A 127 -8.08 -33.79 -6.01
N VAL A 128 -9.19 -34.52 -5.74
CA VAL A 128 -9.50 -34.94 -4.37
C VAL A 128 -8.30 -35.52 -3.60
N PRO A 129 -8.10 -34.90 -2.45
CA PRO A 129 -6.93 -35.16 -1.66
C PRO A 129 -7.00 -36.46 -0.85
N TYR A 130 -8.20 -36.92 -0.54
CA TYR A 130 -8.20 -38.14 0.17
C TYR A 130 -9.53 -38.76 0.05
N ILE A 131 -9.48 -40.09 -0.13
CA ILE A 131 -10.71 -40.87 -0.15
C ILE A 131 -10.70 -41.80 1.07
N VAL A 132 -11.88 -42.01 1.61
CA VAL A 132 -12.07 -42.78 2.81
C VAL A 132 -13.27 -43.59 2.46
N VAL A 133 -13.25 -44.88 2.77
CA VAL A 133 -14.32 -45.71 2.26
C VAL A 133 -15.25 -46.09 3.28
N PHE A 134 -16.49 -46.14 2.89
CA PHE A 134 -17.47 -46.69 3.77
C PHE A 134 -18.17 -47.80 3.00
N MET A 135 -17.87 -49.02 3.38
CA MET A 135 -18.52 -50.22 2.91
C MET A 135 -19.82 -50.33 3.64
N ASN A 136 -20.93 -50.18 2.91
CA ASN A 136 -22.27 -50.22 3.49
C ASN A 136 -23.07 -51.48 3.18
N LYS A 137 -24.21 -51.66 3.82
CA LYS A 137 -25.08 -52.78 3.54
C LYS A 137 -24.52 -54.08 4.08
N VAL A 138 -23.45 -53.93 4.82
CA VAL A 138 -22.79 -55.04 5.42
C VAL A 138 -23.75 -56.02 6.12
N ASP A 139 -24.96 -55.56 6.39
CA ASP A 139 -25.87 -56.42 7.09
C ASP A 139 -26.37 -57.45 6.15
N MET A 140 -25.93 -57.44 4.90
CA MET A 140 -26.51 -58.46 4.01
C MET A 140 -25.55 -59.58 3.85
N VAL A 141 -24.39 -59.45 4.45
CA VAL A 141 -23.31 -60.41 4.33
C VAL A 141 -22.58 -60.79 5.61
N ASP A 142 -22.70 -62.06 5.97
CA ASP A 142 -22.00 -62.57 7.15
C ASP A 142 -20.60 -62.98 6.84
N ASP A 143 -20.46 -63.68 5.73
CA ASP A 143 -19.19 -64.25 5.38
C ASP A 143 -18.11 -63.26 5.19
N PRO A 144 -17.24 -63.25 6.15
CA PRO A 144 -16.13 -62.35 6.19
C PRO A 144 -15.19 -62.54 5.04
N GLU A 145 -15.27 -63.70 4.41
CA GLU A 145 -14.37 -63.90 3.28
C GLU A 145 -14.87 -62.91 2.24
N LEU A 146 -16.19 -62.80 2.19
CA LEU A 146 -16.78 -61.87 1.27
C LEU A 146 -16.45 -60.42 1.58
N LEU A 147 -16.67 -60.04 2.82
CA LEU A 147 -16.41 -58.67 3.18
C LEU A 147 -14.98 -58.31 2.91
N ASP A 148 -14.08 -59.28 2.98
CA ASP A 148 -12.64 -59.02 2.77
C ASP A 148 -12.46 -58.91 1.30
N LEU A 149 -13.17 -59.74 0.57
CA LEU A 149 -13.04 -59.70 -0.86
C LEU A 149 -13.36 -58.28 -1.38
N VAL A 150 -14.57 -57.79 -1.09
CA VAL A 150 -14.95 -56.46 -1.52
C VAL A 150 -13.94 -55.37 -1.15
N GLU A 151 -13.50 -55.42 0.10
CA GLU A 151 -12.61 -54.40 0.59
C GLU A 151 -11.40 -54.33 -0.25
N MET A 152 -10.90 -55.53 -0.56
CA MET A 152 -9.73 -55.63 -1.42
C MET A 152 -9.97 -55.24 -2.88
N GLU A 153 -11.17 -55.50 -3.42
CA GLU A 153 -11.50 -55.02 -4.76
C GLU A 153 -11.30 -53.50 -4.72
N VAL A 154 -11.92 -52.92 -3.69
CA VAL A 154 -11.88 -51.49 -3.50
C VAL A 154 -10.48 -50.95 -3.40
N ARG A 155 -9.70 -51.41 -2.43
CA ARG A 155 -8.30 -50.96 -2.42
C ARG A 155 -7.51 -51.11 -3.70
N ASP A 156 -7.76 -52.16 -4.47
CA ASP A 156 -6.96 -52.28 -5.69
C ASP A 156 -7.37 -51.20 -6.62
N LEU A 157 -8.68 -50.93 -6.70
CA LEU A 157 -9.09 -49.86 -7.59
C LEU A 157 -8.36 -48.61 -7.19
N LEU A 158 -8.42 -48.20 -5.94
CA LEU A 158 -7.81 -46.93 -5.56
C LEU A 158 -6.39 -46.91 -5.84
N ASN A 159 -5.83 -48.10 -5.78
CA ASN A 159 -4.42 -48.19 -5.96
C ASN A 159 -4.20 -47.96 -7.45
N GLN A 160 -5.20 -48.36 -8.23
CA GLN A 160 -5.05 -48.20 -9.65
C GLN A 160 -4.98 -46.71 -10.07
N TYR A 161 -5.70 -45.84 -9.36
CA TYR A 161 -5.72 -44.42 -9.66
C TYR A 161 -4.91 -43.63 -8.66
N GLU A 162 -3.92 -44.28 -8.13
CA GLU A 162 -2.93 -43.65 -7.30
C GLU A 162 -3.26 -43.28 -5.88
N PHE A 163 -4.48 -43.50 -5.46
CA PHE A 163 -4.79 -43.27 -4.07
C PHE A 163 -4.03 -44.36 -3.31
N PRO A 164 -3.71 -44.13 -2.04
CA PRO A 164 -2.97 -45.11 -1.22
C PRO A 164 -3.97 -46.12 -0.69
N GLY A 165 -4.40 -46.99 -1.57
CA GLY A 165 -5.51 -47.86 -1.27
C GLY A 165 -5.13 -48.75 -0.16
N ASP A 166 -3.84 -48.99 -0.09
CA ASP A 166 -3.33 -49.89 0.90
C ASP A 166 -3.54 -49.31 2.29
N GLU A 167 -3.53 -47.97 2.39
CA GLU A 167 -3.71 -47.32 3.67
C GLU A 167 -5.10 -46.82 4.03
N VAL A 168 -5.93 -46.44 3.07
CA VAL A 168 -7.14 -45.78 3.45
C VAL A 168 -7.95 -46.60 4.37
N PRO A 169 -8.96 -45.97 4.94
CA PRO A 169 -9.83 -46.60 5.89
C PRO A 169 -11.04 -47.20 5.20
N VAL A 170 -11.25 -48.50 5.42
CA VAL A 170 -12.42 -49.13 4.84
C VAL A 170 -13.26 -49.56 6.04
N ILE A 171 -14.34 -48.83 6.29
CA ILE A 171 -15.12 -48.98 7.51
C ILE A 171 -16.30 -49.72 7.08
N ARG A 172 -16.68 -50.77 7.82
CA ARG A 172 -17.78 -51.61 7.36
C ARG A 172 -18.99 -51.32 8.14
N GLY A 173 -20.12 -51.15 7.49
CA GLY A 173 -21.30 -50.88 8.27
C GLY A 173 -22.58 -50.88 7.50
N SER A 174 -23.61 -50.41 8.21
CA SER A 174 -24.99 -50.25 7.73
C SER A 174 -25.50 -48.84 8.01
N ALA A 175 -25.64 -48.04 6.99
CA ALA A 175 -26.08 -46.72 7.20
C ALA A 175 -27.52 -46.84 7.58
N LEU A 176 -28.22 -47.75 6.95
CA LEU A 176 -29.66 -47.81 7.16
C LEU A 176 -29.91 -48.04 8.63
N LEU A 177 -29.28 -49.04 9.22
CA LEU A 177 -29.45 -49.32 10.65
C LEU A 177 -29.00 -48.23 11.65
N ALA A 178 -27.88 -47.56 11.38
CA ALA A 178 -27.44 -46.49 12.28
C ALA A 178 -28.55 -45.45 12.27
N LEU A 179 -28.94 -45.08 11.08
CA LEU A 179 -30.02 -44.13 10.90
C LEU A 179 -31.27 -44.50 11.62
N GLU A 180 -31.67 -45.76 11.68
CA GLU A 180 -32.86 -45.96 12.50
C GLU A 180 -32.62 -45.90 14.00
N GLU A 181 -31.41 -46.18 14.44
CA GLU A 181 -31.24 -46.06 15.86
C GLU A 181 -31.33 -44.62 16.23
N MET A 182 -30.62 -43.77 15.49
CA MET A 182 -30.70 -42.33 15.75
C MET A 182 -32.15 -41.95 15.70
N HIS A 183 -32.92 -42.72 14.98
CA HIS A 183 -34.29 -42.34 14.87
C HIS A 183 -34.98 -42.66 16.09
N LYS A 184 -34.76 -43.87 16.55
CA LYS A 184 -35.36 -44.40 17.75
C LYS A 184 -34.87 -43.60 18.96
N ASN A 185 -33.59 -43.24 18.98
CA ASN A 185 -32.95 -42.66 20.14
C ASN A 185 -32.04 -41.55 19.73
N PRO A 186 -32.62 -40.40 19.61
CA PRO A 186 -31.89 -39.26 19.05
C PRO A 186 -30.81 -38.96 19.98
N LYS A 187 -30.96 -39.47 21.18
CA LYS A 187 -29.92 -39.08 22.06
C LYS A 187 -28.81 -40.04 22.19
N THR A 188 -28.92 -41.16 21.47
CA THR A 188 -27.91 -42.19 21.52
C THR A 188 -26.56 -41.65 21.31
N LYS A 189 -25.60 -42.06 22.12
CA LYS A 189 -24.26 -41.54 21.94
C LYS A 189 -23.32 -42.69 21.78
N ARG A 190 -22.03 -42.36 21.66
CA ARG A 190 -21.02 -43.39 21.43
C ARG A 190 -21.19 -44.58 22.33
N GLY A 191 -20.47 -45.64 22.07
CA GLY A 191 -20.59 -46.82 22.90
C GLY A 191 -21.98 -47.39 23.04
N GLU A 192 -23.01 -46.60 23.00
CA GLU A 192 -24.33 -47.17 23.19
C GLU A 192 -24.65 -48.17 22.11
N ASN A 193 -24.62 -47.79 20.82
CA ASN A 193 -25.00 -48.75 19.78
C ASN A 193 -24.00 -49.05 18.72
N GLU A 194 -23.99 -50.32 18.33
CA GLU A 194 -23.05 -50.84 17.34
C GLU A 194 -23.08 -50.23 15.95
N TRP A 195 -24.27 -50.15 15.38
CA TRP A 195 -24.40 -49.54 14.08
C TRP A 195 -23.99 -48.05 14.15
N VAL A 196 -24.43 -47.37 15.18
CA VAL A 196 -24.03 -46.01 15.30
C VAL A 196 -22.59 -45.86 15.47
N ASP A 197 -22.04 -46.80 16.17
CA ASP A 197 -20.61 -46.66 16.41
C ASP A 197 -19.74 -46.73 15.07
N LYS A 198 -20.25 -47.42 14.05
CA LYS A 198 -19.53 -47.52 12.80
C LYS A 198 -19.49 -46.17 12.16
N ILE A 199 -20.61 -45.43 12.29
CA ILE A 199 -20.64 -44.04 11.88
C ILE A 199 -19.60 -43.25 12.67
N TRP A 200 -19.44 -43.55 13.95
CA TRP A 200 -18.42 -42.81 14.66
C TRP A 200 -17.04 -43.10 14.08
N GLU A 201 -16.84 -44.32 13.60
CA GLU A 201 -15.52 -44.62 13.03
C GLU A 201 -15.29 -43.83 11.79
N LEU A 202 -16.36 -43.68 11.01
CA LEU A 202 -16.27 -42.93 9.77
C LEU A 202 -15.90 -41.49 10.09
N LEU A 203 -16.68 -40.90 11.00
CA LEU A 203 -16.42 -39.55 11.44
C LEU A 203 -14.97 -39.37 11.98
N ASP A 204 -14.49 -40.33 12.72
CA ASP A 204 -13.14 -40.16 13.23
C ASP A 204 -12.20 -40.25 12.09
N ALA A 205 -12.52 -41.17 11.18
CA ALA A 205 -11.66 -41.45 10.02
C ALA A 205 -11.43 -40.18 9.21
N ILE A 206 -12.55 -39.54 8.97
CA ILE A 206 -12.56 -38.32 8.26
C ILE A 206 -11.64 -37.34 8.99
N ASP A 207 -11.97 -37.04 10.24
CA ASP A 207 -11.27 -36.02 11.01
C ASP A 207 -9.80 -36.40 10.95
N GLU A 208 -9.52 -37.67 10.95
CA GLU A 208 -8.12 -37.98 10.92
C GLU A 208 -7.44 -37.99 9.58
N TYR A 209 -8.06 -38.69 8.61
CA TYR A 209 -7.46 -38.89 7.32
C TYR A 209 -7.47 -37.78 6.28
N ILE A 210 -8.54 -37.05 6.25
CA ILE A 210 -8.67 -35.97 5.33
C ILE A 210 -7.98 -34.79 5.93
N PRO A 211 -6.94 -34.37 5.26
CA PRO A 211 -6.08 -33.26 5.69
C PRO A 211 -6.88 -32.03 5.80
N THR A 212 -6.46 -31.22 6.75
CA THR A 212 -7.14 -29.98 7.03
C THR A 212 -6.66 -28.99 5.98
N PRO A 213 -7.67 -28.33 5.31
CA PRO A 213 -7.43 -27.41 4.23
C PRO A 213 -6.92 -26.03 4.53
N VAL A 214 -6.26 -25.47 3.51
CA VAL A 214 -5.83 -24.10 3.58
C VAL A 214 -6.91 -23.07 3.32
N ARG A 215 -6.96 -22.10 4.22
CA ARG A 215 -7.98 -21.09 4.11
C ARG A 215 -7.45 -20.31 2.94
N ASP A 216 -8.35 -19.86 2.08
CA ASP A 216 -7.92 -19.09 0.91
C ASP A 216 -6.92 -17.95 1.22
N VAL A 217 -7.28 -17.07 2.14
CA VAL A 217 -6.41 -16.00 2.58
C VAL A 217 -4.99 -16.42 2.91
N ASP A 218 -4.82 -17.69 3.26
CA ASP A 218 -3.51 -18.18 3.63
C ASP A 218 -2.76 -18.77 2.44
N LYS A 219 -3.47 -19.05 1.34
CA LYS A 219 -2.84 -19.60 0.10
C LYS A 219 -2.08 -18.49 -0.57
N PRO A 220 -1.18 -18.84 -1.48
CA PRO A 220 -0.34 -17.84 -2.13
C PRO A 220 -1.15 -16.86 -2.94
N PHE A 221 -0.68 -15.61 -2.86
CA PHE A 221 -1.33 -14.49 -3.50
C PHE A 221 -1.48 -14.62 -4.97
N LEU A 222 -2.73 -14.49 -5.38
CA LEU A 222 -3.06 -14.50 -6.78
C LEU A 222 -4.32 -13.70 -7.08
N MET A 223 -4.15 -12.84 -8.10
CA MET A 223 -5.24 -12.02 -8.59
C MET A 223 -5.04 -11.84 -10.06
N PRO A 224 -6.17 -12.12 -10.66
CA PRO A 224 -6.41 -12.22 -12.06
C PRO A 224 -6.85 -10.91 -12.58
N VAL A 225 -6.14 -10.41 -13.58
CA VAL A 225 -6.41 -9.14 -14.19
C VAL A 225 -7.72 -9.08 -14.94
N GLU A 226 -8.54 -8.12 -14.60
CA GLU A 226 -9.80 -7.92 -15.26
C GLU A 226 -9.67 -6.66 -16.11
N ASP A 227 -9.25 -5.53 -15.57
CA ASP A 227 -9.07 -4.32 -16.39
C ASP A 227 -7.76 -3.65 -16.13
N VAL A 228 -7.30 -2.89 -17.10
CA VAL A 228 -6.10 -2.11 -16.91
C VAL A 228 -6.34 -0.66 -17.25
N PHE A 229 -5.77 0.24 -16.44
CA PHE A 229 -6.01 1.69 -16.53
C PHE A 229 -4.76 2.42 -16.16
N THR A 230 -4.78 3.73 -16.46
CA THR A 230 -3.74 4.66 -16.01
C THR A 230 -4.29 5.87 -15.23
N ILE A 231 -3.67 6.12 -14.06
CA ILE A 231 -4.00 7.24 -13.22
C ILE A 231 -2.89 8.27 -13.48
N THR A 232 -3.13 9.12 -14.48
CA THR A 232 -2.20 10.14 -14.99
C THR A 232 -0.86 10.39 -14.30
N GLY A 233 -0.90 10.87 -13.07
CA GLY A 233 0.33 11.13 -12.33
C GLY A 233 0.84 9.94 -11.49
N ARG A 234 0.05 8.87 -11.44
CA ARG A 234 0.38 7.68 -10.65
C ARG A 234 0.86 6.50 -11.51
N GLY A 235 0.14 6.24 -12.60
CA GLY A 235 0.58 5.20 -13.52
C GLY A 235 -0.40 4.06 -13.78
N THR A 236 0.14 2.85 -13.95
CA THR A 236 -0.71 1.72 -14.29
C THR A 236 -1.50 0.94 -13.24
N VAL A 237 -2.74 0.63 -13.58
CA VAL A 237 -3.56 -0.04 -12.61
C VAL A 237 -4.31 -1.28 -13.09
N ALA A 238 -4.05 -2.37 -12.41
CA ALA A 238 -4.69 -3.62 -12.72
C ALA A 238 -5.83 -3.77 -11.72
N THR A 239 -7.02 -4.04 -12.20
CA THR A 239 -8.13 -4.25 -11.28
C THR A 239 -8.75 -5.68 -11.38
N GLY A 240 -9.44 -6.11 -10.31
CA GLY A 240 -10.09 -7.41 -10.25
C GLY A 240 -10.16 -8.02 -8.85
N ARG A 241 -10.99 -9.05 -8.68
CA ARG A 241 -11.15 -9.72 -7.39
C ARG A 241 -9.98 -10.64 -7.04
N ILE A 242 -9.47 -10.53 -5.81
CA ILE A 242 -8.33 -11.32 -5.40
C ILE A 242 -8.89 -12.68 -5.18
N GLU A 243 -8.16 -13.68 -5.66
CA GLU A 243 -8.59 -15.06 -5.54
C GLU A 243 -7.97 -15.71 -4.30
N ARG A 244 -6.78 -15.27 -3.92
CA ARG A 244 -6.26 -15.83 -2.73
C ARG A 244 -5.11 -15.08 -2.08
N GLY A 245 -5.03 -15.23 -0.75
CA GLY A 245 -3.97 -14.66 0.08
C GLY A 245 -4.25 -13.18 0.16
N LYS A 246 -3.19 -12.38 0.13
CA LYS A 246 -3.39 -10.98 0.23
C LYS A 246 -2.26 -10.19 -0.27
N VAL A 247 -2.55 -8.91 -0.47
CA VAL A 247 -1.51 -7.98 -0.88
C VAL A 247 -1.54 -6.73 -0.04
N LYS A 248 -0.35 -6.26 0.29
CA LYS A 248 -0.17 -4.97 0.93
C LYS A 248 0.86 -4.26 0.06
N VAL A 249 0.80 -2.94 0.06
CA VAL A 249 1.70 -2.17 -0.75
C VAL A 249 3.11 -2.55 -0.47
N GLY A 250 3.98 -2.29 -1.42
CA GLY A 250 5.39 -2.62 -1.24
C GLY A 250 5.63 -4.10 -1.52
N ASP A 251 4.54 -4.87 -1.58
CA ASP A 251 4.59 -6.32 -1.93
C ASP A 251 5.00 -6.42 -3.41
N GLU A 252 5.95 -7.29 -3.73
CA GLU A 252 6.35 -7.52 -5.12
C GLU A 252 5.49 -8.69 -5.71
N VAL A 253 5.12 -8.57 -6.98
CA VAL A 253 4.32 -9.63 -7.59
C VAL A 253 4.72 -9.87 -9.00
N GLU A 254 4.28 -11.00 -9.53
CA GLU A 254 4.62 -11.35 -10.89
C GLU A 254 3.34 -11.26 -11.67
N ILE A 255 3.55 -10.79 -12.88
CA ILE A 255 2.49 -10.69 -13.84
C ILE A 255 2.73 -11.89 -14.75
N VAL A 256 1.78 -12.81 -14.66
CA VAL A 256 1.83 -14.05 -15.41
C VAL A 256 0.76 -14.29 -16.42
N GLY A 257 1.25 -14.78 -17.58
CA GLY A 257 0.45 -15.24 -18.71
C GLY A 257 0.56 -14.38 -19.95
N LEU A 258 0.04 -14.89 -21.06
CA LEU A 258 -0.16 -14.10 -22.27
C LEU A 258 1.06 -13.43 -22.83
N ALA A 259 1.76 -12.72 -22.01
CA ALA A 259 2.98 -12.14 -22.48
C ALA A 259 3.99 -13.27 -22.72
N PRO A 260 4.98 -12.96 -23.50
CA PRO A 260 6.06 -13.84 -23.85
C PRO A 260 6.93 -14.10 -22.68
N GLU A 261 6.77 -13.31 -21.63
CA GLU A 261 7.66 -13.48 -20.48
C GLU A 261 7.05 -12.93 -19.21
N THR A 262 7.50 -13.46 -18.07
CA THR A 262 6.92 -13.03 -16.81
C THR A 262 7.53 -11.79 -16.24
N ARG A 263 6.69 -10.85 -15.86
CA ARG A 263 7.28 -9.67 -15.32
C ARG A 263 6.97 -9.60 -13.88
N LYS A 264 7.91 -8.93 -13.20
CA LYS A 264 7.87 -8.62 -11.77
C LYS A 264 7.64 -7.10 -11.53
N THR A 265 6.78 -6.76 -10.57
CA THR A 265 6.51 -5.38 -10.13
C THR A 265 6.25 -5.29 -8.63
N VAL A 266 5.84 -4.10 -8.19
CA VAL A 266 5.52 -3.89 -6.81
C VAL A 266 4.23 -3.21 -6.78
N VAL A 267 3.32 -3.69 -5.95
CA VAL A 267 2.12 -2.90 -5.79
C VAL A 267 2.55 -1.63 -5.09
N THR A 268 2.12 -0.51 -5.63
CA THR A 268 2.50 0.72 -4.99
C THR A 268 1.21 1.33 -4.62
N GLY A 269 0.15 0.58 -4.84
CA GLY A 269 -1.12 1.09 -4.41
C GLY A 269 -2.31 0.15 -4.57
N VAL A 270 -3.00 -0.07 -3.46
CA VAL A 270 -4.21 -0.87 -3.44
C VAL A 270 -5.27 0.15 -3.42
N GLU A 271 -6.53 -0.25 -3.40
CA GLU A 271 -7.61 0.72 -3.44
C GLU A 271 -8.91 0.02 -3.71
N MET A 272 -9.95 0.46 -3.02
CA MET A 272 -11.23 -0.16 -3.18
C MET A 272 -12.32 0.79 -2.68
N HIS A 273 -13.48 0.68 -3.32
CA HIS A 273 -14.62 1.51 -2.98
C HIS A 273 -14.16 2.96 -3.01
N ARG A 274 -13.28 3.29 -3.97
CA ARG A 274 -12.72 4.63 -4.13
C ARG A 274 -11.66 4.93 -3.10
N LYS A 275 -12.00 4.74 -1.83
CA LYS A 275 -11.06 5.03 -0.76
C LYS A 275 -9.83 4.17 -0.97
N THR A 276 -8.79 4.52 -0.27
CA THR A 276 -7.56 3.77 -0.31
C THR A 276 -7.81 2.45 0.46
N LEU A 277 -6.73 1.80 0.90
CA LEU A 277 -6.76 0.50 1.60
C LEU A 277 -5.32 0.00 1.94
N GLN A 278 -5.07 -0.47 3.17
CA GLN A 278 -3.71 -0.90 3.55
C GLN A 278 -3.30 -2.27 3.02
N GLU A 279 -4.28 -3.21 3.01
CA GLU A 279 -4.09 -4.59 2.51
C GLU A 279 -5.22 -5.13 1.61
N GLY A 280 -4.80 -5.86 0.58
CA GLY A 280 -5.72 -6.47 -0.35
C GLY A 280 -5.81 -7.92 0.04
N ILE A 281 -7.04 -8.32 0.35
CA ILE A 281 -7.24 -9.67 0.82
C ILE A 281 -8.22 -10.45 -0.02
N ALA A 282 -7.94 -11.75 -0.08
CA ALA A 282 -8.71 -12.71 -0.83
C ALA A 282 -10.17 -12.38 -0.67
N GLY A 283 -10.87 -12.31 -1.78
CA GLY A 283 -12.31 -11.99 -1.78
C GLY A 283 -12.54 -10.57 -2.27
N ASP A 284 -11.59 -9.70 -1.91
CA ASP A 284 -11.61 -8.27 -2.21
C ASP A 284 -11.43 -7.94 -3.70
N ASN A 285 -12.24 -7.01 -4.17
CA ASN A 285 -12.10 -6.50 -5.53
C ASN A 285 -11.34 -5.17 -5.53
N VAL A 286 -10.03 -5.21 -5.70
CA VAL A 286 -9.23 -4.00 -5.67
C VAL A 286 -8.79 -3.44 -7.04
N GLY A 287 -7.81 -2.55 -6.97
CA GLY A 287 -7.19 -1.98 -8.14
C GLY A 287 -5.80 -1.76 -7.62
N LEU A 288 -4.82 -2.23 -8.36
CA LEU A 288 -3.51 -2.18 -7.85
C LEU A 288 -2.68 -1.30 -8.71
N LEU A 289 -1.73 -0.67 -8.08
CA LEU A 289 -0.88 0.19 -8.78
C LEU A 289 0.36 -0.52 -9.03
N LEU A 290 0.59 -0.85 -10.28
CA LEU A 290 1.79 -1.59 -10.57
C LEU A 290 2.84 -0.59 -10.84
N ARG A 291 4.00 -0.87 -10.33
CA ARG A 291 5.06 0.07 -10.45
C ARG A 291 6.02 -0.27 -11.57
N GLY A 292 6.09 0.61 -12.56
CA GLY A 292 7.03 0.54 -13.69
C GLY A 292 6.51 -0.31 -14.82
N VAL A 293 5.19 -0.30 -14.93
CA VAL A 293 4.55 -1.15 -15.86
C VAL A 293 3.76 -0.37 -16.83
N SER A 294 4.17 -0.54 -18.11
CA SER A 294 3.51 0.09 -19.27
C SER A 294 2.06 -0.41 -19.35
N ARG A 295 1.21 0.37 -20.01
CA ARG A 295 -0.19 -0.01 -20.18
C ARG A 295 -0.26 -1.22 -21.17
N GLU A 296 0.90 -1.55 -21.70
CA GLU A 296 1.00 -2.68 -22.60
C GLU A 296 1.48 -3.87 -21.81
N GLU A 297 2.48 -3.64 -20.97
CA GLU A 297 3.03 -4.67 -20.15
C GLU A 297 2.05 -5.48 -19.27
N VAL A 298 0.80 -4.97 -19.11
CA VAL A 298 -0.23 -5.68 -18.35
C VAL A 298 -1.60 -5.73 -19.07
N GLU A 299 -2.22 -6.89 -19.09
CA GLU A 299 -3.52 -6.99 -19.73
C GLU A 299 -4.46 -8.04 -19.13
N ARG A 300 -5.72 -7.85 -19.47
CA ARG A 300 -6.77 -8.69 -18.94
C ARG A 300 -6.43 -10.11 -19.30
N GLY A 301 -6.73 -11.01 -18.39
CA GLY A 301 -6.40 -12.38 -18.67
C GLY A 301 -5.13 -12.79 -17.96
N GLN A 302 -4.17 -11.89 -17.71
CA GLN A 302 -3.03 -12.35 -16.96
C GLN A 302 -3.35 -12.39 -15.50
N VAL A 303 -2.44 -12.93 -14.73
CA VAL A 303 -2.68 -12.92 -13.30
C VAL A 303 -1.49 -12.30 -12.65
N LEU A 304 -1.73 -11.73 -11.48
CA LEU A 304 -0.63 -11.18 -10.70
C LEU A 304 -0.59 -12.15 -9.62
N ALA A 305 0.62 -12.54 -9.22
CA ALA A 305 0.65 -13.45 -8.10
C ALA A 305 1.92 -13.43 -7.33
N LYS A 306 1.87 -14.03 -6.14
CA LYS A 306 3.05 -14.14 -5.33
C LYS A 306 4.12 -14.80 -6.17
N PRO A 307 5.24 -14.12 -6.21
CA PRO A 307 6.32 -14.53 -7.07
C PRO A 307 6.68 -15.99 -6.93
N GLY A 308 6.84 -16.60 -8.11
CA GLY A 308 7.21 -18.00 -8.26
C GLY A 308 6.06 -18.92 -7.93
N SER A 309 4.88 -18.36 -7.66
CA SER A 309 3.81 -19.25 -7.24
C SER A 309 3.03 -19.97 -8.32
N ILE A 310 3.07 -19.46 -9.53
CA ILE A 310 2.35 -20.04 -10.66
C ILE A 310 3.12 -19.70 -11.92
N THR A 311 3.03 -20.59 -12.91
CA THR A 311 3.81 -20.56 -14.15
C THR A 311 2.93 -20.61 -15.38
N PRO A 312 3.46 -20.07 -16.43
CA PRO A 312 2.73 -19.93 -17.66
C PRO A 312 3.03 -21.14 -18.47
N HIS A 313 2.04 -21.47 -19.30
CA HIS A 313 2.11 -22.66 -20.08
C HIS A 313 1.22 -22.62 -21.28
N THR A 314 1.31 -23.66 -22.11
CA THR A 314 0.48 -23.75 -23.29
C THR A 314 -0.04 -25.15 -23.55
N LYS A 315 0.72 -26.11 -23.11
CA LYS A 315 0.24 -27.48 -23.28
C LYS A 315 -0.20 -28.07 -21.99
N PHE A 316 -1.42 -28.60 -21.97
CA PHE A 316 -1.87 -29.25 -20.76
C PHE A 316 -2.88 -30.37 -21.02
N GLU A 317 -3.07 -31.21 -20.02
CA GLU A 317 -4.09 -32.22 -20.08
C GLU A 317 -5.30 -31.77 -19.28
N ALA A 318 -6.48 -32.29 -19.63
CA ALA A 318 -7.71 -31.91 -18.97
C ALA A 318 -8.85 -32.94 -18.99
N SER A 319 -9.62 -32.98 -17.90
CA SER A 319 -10.82 -33.76 -17.87
C SER A 319 -11.99 -32.81 -18.13
N VAL A 320 -12.83 -33.17 -19.10
CA VAL A 320 -13.81 -32.27 -19.57
C VAL A 320 -15.17 -32.93 -19.69
N TYR A 321 -16.19 -32.11 -19.80
CA TYR A 321 -17.57 -32.53 -19.95
C TYR A 321 -18.15 -31.64 -21.04
N ILE A 322 -18.86 -32.21 -22.01
CA ILE A 322 -19.33 -31.45 -23.14
C ILE A 322 -20.83 -31.38 -23.11
N LEU A 323 -21.30 -30.18 -23.13
CA LEU A 323 -22.69 -29.97 -23.01
C LEU A 323 -23.43 -30.68 -24.08
N LYS A 324 -24.62 -31.10 -23.74
CA LYS A 324 -25.48 -31.70 -24.68
C LYS A 324 -26.04 -30.54 -25.47
N LYS A 325 -26.77 -30.86 -26.53
CA LYS A 325 -27.34 -29.85 -27.37
C LYS A 325 -28.48 -29.34 -26.56
N GLU A 326 -29.29 -30.22 -26.04
CA GLU A 326 -30.44 -29.80 -25.22
C GLU A 326 -29.99 -28.87 -24.05
N GLU A 327 -28.73 -28.92 -23.68
CA GLU A 327 -28.26 -28.04 -22.61
C GLU A 327 -27.61 -26.84 -23.19
N GLY A 328 -27.73 -26.61 -24.50
CA GLY A 328 -27.09 -25.46 -25.18
C GLY A 328 -25.66 -25.58 -25.72
N GLY A 329 -25.12 -26.78 -25.93
CA GLY A 329 -23.74 -26.92 -26.41
C GLY A 329 -23.79 -27.28 -27.92
N ARG A 330 -22.67 -27.83 -28.48
CA ARG A 330 -22.59 -28.31 -29.86
C ARG A 330 -23.71 -29.30 -30.22
N HIS A 331 -23.94 -29.47 -31.49
CA HIS A 331 -25.06 -30.29 -31.88
C HIS A 331 -24.53 -31.37 -32.71
N THR A 332 -23.21 -31.30 -32.94
CA THR A 332 -22.42 -32.32 -33.61
C THR A 332 -21.12 -32.51 -32.83
N GLY A 333 -20.49 -33.67 -32.99
CA GLY A 333 -19.25 -33.99 -32.28
C GLY A 333 -18.03 -33.35 -32.93
N PHE A 334 -16.85 -33.77 -32.50
CA PHE A 334 -15.64 -33.21 -33.08
C PHE A 334 -14.49 -34.16 -32.92
N PHE A 335 -13.43 -33.84 -33.64
CA PHE A 335 -12.29 -34.71 -33.73
C PHE A 335 -11.17 -33.96 -33.18
N THR A 336 -10.02 -34.60 -33.28
CA THR A 336 -8.79 -34.01 -32.89
C THR A 336 -8.59 -32.98 -33.96
N GLY A 337 -8.12 -31.82 -33.54
CA GLY A 337 -8.03 -30.74 -34.46
C GLY A 337 -9.09 -29.70 -34.02
N TYR A 338 -10.12 -30.10 -33.26
CA TYR A 338 -11.10 -29.12 -32.69
C TYR A 338 -10.37 -27.93 -31.99
N ARG A 339 -10.80 -26.69 -32.27
CA ARG A 339 -10.02 -25.57 -31.77
C ARG A 339 -10.82 -24.46 -31.23
N PRO A 340 -11.58 -24.76 -30.16
CA PRO A 340 -12.45 -23.78 -29.56
C PRO A 340 -11.62 -22.74 -28.78
N GLN A 341 -12.32 -22.04 -27.91
CA GLN A 341 -11.75 -21.02 -27.04
C GLN A 341 -11.79 -21.57 -25.58
N PHE A 342 -10.65 -21.47 -24.91
CA PHE A 342 -10.54 -21.94 -23.53
C PHE A 342 -10.54 -20.76 -22.67
N TYR A 343 -11.63 -20.64 -21.94
CA TYR A 343 -11.87 -19.47 -21.15
C TYR A 343 -11.30 -19.69 -19.81
N PHE A 344 -10.08 -19.21 -19.66
CA PHE A 344 -9.43 -19.29 -18.37
C PHE A 344 -9.63 -18.00 -17.49
N ARG A 345 -10.45 -18.16 -16.45
CA ARG A 345 -10.66 -17.05 -15.50
C ARG A 345 -11.43 -15.92 -16.07
N THR A 346 -10.79 -15.13 -16.91
CA THR A 346 -11.48 -13.96 -17.41
C THR A 346 -11.50 -13.93 -18.90
N THR A 347 -10.65 -14.65 -19.57
CA THR A 347 -10.72 -14.59 -21.01
C THR A 347 -10.56 -15.85 -21.77
N ASP A 348 -11.04 -15.76 -23.01
CA ASP A 348 -10.85 -16.80 -23.98
C ASP A 348 -9.43 -16.87 -24.49
N VAL A 349 -8.91 -18.06 -24.63
CA VAL A 349 -7.65 -18.24 -25.27
C VAL A 349 -7.85 -19.45 -26.11
N THR A 350 -7.52 -19.28 -27.36
CA THR A 350 -7.78 -20.33 -28.34
C THR A 350 -6.90 -21.48 -28.05
N GLY A 351 -7.38 -22.66 -28.41
CA GLY A 351 -6.58 -23.87 -28.27
C GLY A 351 -7.02 -25.00 -29.19
N VAL A 352 -6.09 -25.85 -29.54
CA VAL A 352 -6.44 -26.96 -30.39
C VAL A 352 -6.38 -28.16 -29.53
N VAL A 353 -7.40 -29.00 -29.70
CA VAL A 353 -7.53 -30.28 -28.99
C VAL A 353 -6.95 -31.54 -29.66
N ARG A 354 -6.51 -32.45 -28.81
CA ARG A 354 -6.02 -33.71 -29.33
C ARG A 354 -6.57 -34.81 -28.51
N LEU A 355 -7.51 -35.53 -29.10
CA LEU A 355 -8.12 -36.69 -28.52
C LEU A 355 -7.07 -37.78 -28.32
N PRO A 356 -7.17 -38.48 -27.22
CA PRO A 356 -6.32 -39.63 -26.94
C PRO A 356 -6.71 -40.87 -27.76
N GLN A 357 -5.76 -41.83 -27.80
CA GLN A 357 -5.94 -43.10 -28.54
C GLN A 357 -7.13 -43.74 -28.03
N GLY A 358 -7.95 -44.20 -28.95
CA GLY A 358 -9.15 -44.82 -28.50
C GLY A 358 -10.27 -43.91 -28.68
N VAL A 359 -9.99 -42.60 -28.63
CA VAL A 359 -11.06 -41.64 -28.90
C VAL A 359 -10.81 -41.08 -30.27
N GLU A 360 -11.89 -41.11 -31.04
CA GLU A 360 -11.82 -40.65 -32.40
C GLU A 360 -12.72 -39.46 -32.75
N MET A 361 -13.88 -39.38 -32.13
CA MET A 361 -14.76 -38.24 -32.26
C MET A 361 -15.50 -38.05 -30.91
N VAL A 362 -15.55 -36.81 -30.39
CA VAL A 362 -16.22 -36.62 -29.12
C VAL A 362 -17.62 -36.15 -29.41
N MET A 363 -18.61 -36.60 -28.63
CA MET A 363 -19.95 -36.10 -28.86
C MET A 363 -20.57 -35.33 -27.70
N PRO A 364 -21.51 -34.48 -28.08
CA PRO A 364 -22.25 -33.68 -27.16
C PRO A 364 -22.74 -34.59 -26.06
N GLY A 365 -22.46 -34.22 -24.84
CA GLY A 365 -22.87 -35.01 -23.71
C GLY A 365 -21.70 -35.83 -23.16
N ASP A 366 -20.67 -36.06 -23.97
CA ASP A 366 -19.57 -36.88 -23.54
C ASP A 366 -18.83 -36.19 -22.46
N ASN A 367 -18.04 -36.96 -21.72
CA ASN A 367 -17.09 -36.37 -20.78
C ASN A 367 -15.86 -37.22 -20.95
N VAL A 368 -14.71 -36.59 -21.16
CA VAL A 368 -13.52 -37.27 -21.59
C VAL A 368 -12.34 -36.50 -21.18
N THR A 369 -11.22 -36.98 -21.69
CA THR A 369 -9.95 -36.51 -21.26
C THR A 369 -9.11 -36.34 -22.48
N PHE A 370 -8.52 -35.18 -22.69
CA PHE A 370 -7.70 -35.02 -23.84
C PHE A 370 -6.72 -33.96 -23.51
N THR A 371 -5.90 -33.60 -24.49
CA THR A 371 -4.94 -32.53 -24.30
C THR A 371 -5.31 -31.38 -25.19
N VAL A 372 -4.76 -30.23 -24.85
CA VAL A 372 -5.05 -29.00 -25.54
C VAL A 372 -3.75 -28.31 -25.75
N GLU A 373 -3.73 -27.38 -26.66
CA GLU A 373 -2.49 -26.64 -26.82
C GLU A 373 -2.88 -25.26 -27.24
N LEU A 374 -2.54 -24.33 -26.35
CA LEU A 374 -2.95 -22.95 -26.48
C LEU A 374 -2.10 -22.06 -27.37
N ILE A 375 -2.73 -21.07 -27.98
CA ILE A 375 -1.99 -20.15 -28.84
C ILE A 375 -1.05 -19.34 -28.03
N LYS A 376 -1.44 -18.84 -26.86
CA LYS A 376 -0.47 -18.11 -26.04
C LYS A 376 -0.44 -18.75 -24.71
N PRO A 377 0.55 -18.45 -23.92
CA PRO A 377 0.64 -19.04 -22.61
C PRO A 377 -0.37 -18.48 -21.67
N VAL A 378 -0.55 -19.19 -20.59
CA VAL A 378 -1.50 -18.84 -19.59
C VAL A 378 -1.02 -19.36 -18.20
N ALA A 379 -1.39 -18.63 -17.15
CA ALA A 379 -0.99 -19.02 -15.82
C ALA A 379 -1.86 -20.21 -15.56
N LEU A 380 -1.24 -21.38 -15.71
CA LEU A 380 -1.97 -22.61 -15.49
C LEU A 380 -1.40 -23.41 -14.35
N GLU A 381 -2.30 -24.13 -13.67
CA GLU A 381 -2.00 -25.09 -12.61
C GLU A 381 -3.03 -26.18 -12.63
N GLU A 382 -2.59 -27.35 -12.14
CA GLU A 382 -3.52 -28.49 -12.06
C GLU A 382 -4.61 -28.06 -11.20
N GLY A 383 -5.81 -28.39 -11.57
CA GLY A 383 -6.90 -27.96 -10.72
C GLY A 383 -7.59 -26.76 -11.29
N LEU A 384 -6.83 -25.95 -12.04
CA LEU A 384 -7.42 -24.81 -12.74
C LEU A 384 -8.65 -25.24 -13.55
N ARG A 385 -9.80 -24.67 -13.24
CA ARG A 385 -11.06 -25.02 -13.90
C ARG A 385 -11.19 -24.06 -15.05
N PHE A 386 -11.98 -24.39 -16.09
CA PHE A 386 -12.13 -23.51 -17.29
C PHE A 386 -13.33 -23.88 -18.11
N ALA A 387 -13.64 -23.02 -19.07
CA ALA A 387 -14.82 -23.24 -19.93
C ALA A 387 -14.38 -23.25 -21.38
N ILE A 388 -15.14 -24.01 -22.17
CA ILE A 388 -14.89 -24.18 -23.61
C ILE A 388 -16.05 -23.50 -24.30
N ARG A 389 -15.68 -22.46 -25.02
CA ARG A 389 -16.72 -21.73 -25.64
C ARG A 389 -16.65 -21.65 -27.10
N GLU A 390 -17.82 -21.46 -27.67
CA GLU A 390 -17.92 -21.29 -29.12
C GLU A 390 -18.78 -20.03 -29.19
N GLY A 391 -18.14 -18.95 -29.64
CA GLY A 391 -18.77 -17.63 -29.80
C GLY A 391 -19.46 -17.08 -28.54
N GLY A 392 -18.77 -17.18 -27.43
CA GLY A 392 -19.34 -16.72 -26.18
C GLY A 392 -20.14 -17.76 -25.48
N ARG A 393 -20.74 -18.68 -26.22
CA ARG A 393 -21.50 -19.76 -25.59
C ARG A 393 -20.51 -20.77 -25.02
N THR A 394 -20.92 -21.33 -23.91
CA THR A 394 -20.14 -22.36 -23.26
C THR A 394 -20.62 -23.64 -23.87
N VAL A 395 -19.68 -24.42 -24.41
CA VAL A 395 -20.02 -25.72 -25.02
C VAL A 395 -19.49 -26.90 -24.18
N GLY A 396 -18.63 -26.57 -23.24
CA GLY A 396 -18.12 -27.58 -22.36
C GLY A 396 -17.47 -26.94 -21.13
N ALA A 397 -17.10 -27.79 -20.15
CA ALA A 397 -16.46 -27.35 -18.91
C ALA A 397 -15.43 -28.37 -18.58
N GLY A 398 -14.24 -27.96 -18.20
CA GLY A 398 -13.23 -28.97 -17.84
C GLY A 398 -12.34 -28.55 -16.66
N VAL A 399 -11.33 -29.36 -16.36
CA VAL A 399 -10.39 -29.07 -15.29
C VAL A 399 -9.01 -29.38 -15.74
N VAL A 400 -8.04 -28.52 -15.47
CA VAL A 400 -6.70 -28.85 -15.87
C VAL A 400 -6.14 -29.98 -15.04
N THR A 401 -5.69 -31.06 -15.68
CA THR A 401 -5.16 -32.23 -14.91
C THR A 401 -3.70 -32.44 -15.01
N LYS A 402 -3.05 -31.91 -16.00
CA LYS A 402 -1.65 -32.11 -15.95
C LYS A 402 -1.04 -31.07 -16.85
N ILE A 403 0.18 -30.67 -16.53
CA ILE A 403 0.93 -29.74 -17.35
C ILE A 403 1.94 -30.49 -18.10
N LEU A 404 2.10 -30.14 -19.36
CA LEU A 404 3.01 -30.84 -20.22
C LEU A 404 4.11 -29.90 -20.62
N GLU A 405 3.86 -28.60 -20.37
CA GLU A 405 4.81 -27.54 -20.66
C GLU A 405 4.17 -26.17 -20.73
N LYS B 9 8.07 -0.43 -28.48
CA LYS B 9 7.53 0.62 -29.37
C LYS B 9 7.35 1.96 -28.64
N PRO B 10 8.41 2.77 -28.61
CA PRO B 10 8.40 4.01 -27.87
C PRO B 10 7.17 4.90 -28.01
N HIS B 11 6.87 5.55 -26.89
CA HIS B 11 5.71 6.37 -26.82
C HIS B 11 5.99 7.85 -26.87
N VAL B 12 5.30 8.50 -27.80
CA VAL B 12 5.44 9.91 -28.03
C VAL B 12 4.14 10.70 -27.96
N ASN B 13 4.30 11.91 -27.42
CA ASN B 13 3.20 12.83 -27.29
C ASN B 13 3.22 13.93 -28.33
N VAL B 14 2.16 13.99 -29.13
CA VAL B 14 2.02 15.05 -30.15
C VAL B 14 0.66 15.66 -30.16
N GLY B 15 0.48 16.60 -31.07
CA GLY B 15 -0.81 17.27 -31.21
C GLY B 15 -0.78 18.32 -32.30
N THR B 16 -1.97 18.75 -32.67
CA THR B 16 -2.07 19.72 -33.73
C THR B 16 -2.14 21.12 -33.09
N ILE B 17 -1.48 22.08 -33.72
CA ILE B 17 -1.70 23.46 -33.35
C ILE B 17 -1.91 24.24 -34.66
N GLY B 18 -2.23 25.53 -34.57
CA GLY B 18 -2.42 26.33 -35.76
C GLY B 18 -3.74 27.09 -35.64
N HIS B 19 -4.02 27.94 -36.59
CA HIS B 19 -5.14 28.81 -36.55
C HIS B 19 -6.46 28.17 -36.62
N VAL B 20 -7.47 28.93 -36.27
CA VAL B 20 -8.79 28.35 -36.26
C VAL B 20 -9.18 28.09 -37.62
N ASP B 21 -9.81 26.94 -37.75
CA ASP B 21 -10.48 26.53 -38.97
C ASP B 21 -9.59 25.96 -40.05
N HIS B 22 -8.29 26.09 -39.86
CA HIS B 22 -7.32 25.52 -40.70
C HIS B 22 -7.44 23.98 -40.84
N GLY B 23 -8.08 23.30 -39.89
CA GLY B 23 -8.37 21.88 -40.03
C GLY B 23 -7.58 20.92 -39.16
N LYS B 24 -7.17 21.37 -38.01
CA LYS B 24 -6.39 20.54 -37.15
C LYS B 24 -7.23 19.36 -36.75
N THR B 25 -8.54 19.52 -36.75
CA THR B 25 -9.39 18.45 -36.27
C THR B 25 -9.68 17.42 -37.29
N THR B 26 -10.06 17.89 -38.45
CA THR B 26 -10.17 16.97 -39.55
C THR B 26 -8.86 16.24 -39.78
N LEU B 27 -7.73 16.93 -39.72
CA LEU B 27 -6.45 16.24 -39.89
C LEU B 27 -6.30 15.26 -38.82
N THR B 28 -6.92 15.55 -37.69
CA THR B 28 -6.76 14.61 -36.61
C THR B 28 -7.45 13.30 -36.83
N ALA B 29 -8.64 13.35 -37.38
CA ALA B 29 -9.43 12.15 -37.63
C ALA B 29 -8.83 11.30 -38.76
N ALA B 30 -8.08 11.94 -39.63
CA ALA B 30 -7.50 11.24 -40.74
C ALA B 30 -6.30 10.39 -40.31
N LEU B 31 -5.42 10.97 -39.49
CA LEU B 31 -4.31 10.22 -38.94
C LEU B 31 -4.80 8.92 -38.34
N THR B 32 -5.93 8.89 -37.60
CA THR B 32 -6.38 7.64 -36.99
C THR B 32 -6.75 6.69 -38.07
N TYR B 33 -7.72 7.06 -38.87
CA TYR B 33 -8.13 6.21 -39.94
C TYR B 33 -7.00 5.75 -40.85
N VAL B 34 -6.15 6.65 -41.23
CA VAL B 34 -5.15 6.23 -42.14
C VAL B 34 -4.22 5.23 -41.49
N ALA B 35 -3.63 5.57 -40.38
CA ALA B 35 -2.66 4.66 -39.80
C ALA B 35 -3.29 3.39 -39.26
N ALA B 36 -4.61 3.38 -39.17
CA ALA B 36 -5.28 2.19 -38.64
C ALA B 36 -5.02 1.03 -39.57
N ALA B 37 -5.19 1.32 -40.85
CA ALA B 37 -5.03 0.36 -41.94
C ALA B 37 -3.83 -0.56 -41.74
N GLU B 38 -2.65 0.02 -41.56
CA GLU B 38 -1.48 -0.79 -41.31
C GLU B 38 -1.33 -1.12 -39.82
N ASN B 39 -2.26 -0.66 -38.96
CA ASN B 39 -2.18 -1.01 -37.53
C ASN B 39 -3.46 -1.34 -36.82
N PRO B 40 -4.34 -2.10 -37.47
CA PRO B 40 -5.58 -2.66 -36.95
C PRO B 40 -5.95 -2.44 -35.48
N ASN B 41 -4.96 -2.42 -34.59
CA ASN B 41 -5.22 -2.17 -33.18
C ASN B 41 -5.89 -0.82 -33.16
N VAL B 42 -5.09 0.18 -33.53
CA VAL B 42 -5.45 1.59 -33.69
C VAL B 42 -6.95 1.86 -33.73
N GLU B 43 -7.44 2.68 -32.79
CA GLU B 43 -8.86 2.96 -32.79
C GLU B 43 -9.17 4.23 -33.56
N VAL B 44 -9.92 4.05 -34.64
CA VAL B 44 -10.29 5.10 -35.56
C VAL B 44 -11.31 6.05 -34.96
N LYS B 45 -11.14 7.36 -35.16
CA LYS B 45 -12.09 8.30 -34.57
C LYS B 45 -12.47 9.22 -35.65
N ASP B 46 -13.69 9.76 -35.60
CA ASP B 46 -14.01 10.80 -36.57
C ASP B 46 -14.05 12.24 -36.04
N TYR B 47 -14.24 13.16 -36.99
CA TYR B 47 -14.38 14.60 -36.78
C TYR B 47 -15.28 14.98 -35.57
N GLY B 48 -16.58 14.74 -35.71
CA GLY B 48 -17.54 15.03 -34.65
C GLY B 48 -17.08 14.65 -33.23
N ASP B 49 -16.53 13.45 -33.09
CA ASP B 49 -16.06 13.04 -31.78
C ASP B 49 -14.92 13.94 -31.36
N ILE B 50 -13.91 14.04 -32.21
CA ILE B 50 -12.79 14.84 -31.83
C ILE B 50 -13.26 16.24 -31.67
N ASP B 51 -14.24 16.60 -32.49
CA ASP B 51 -14.70 17.97 -32.45
C ASP B 51 -15.25 18.40 -31.11
N LYS B 52 -15.78 17.42 -30.34
CA LYS B 52 -16.35 17.78 -29.12
C LYS B 52 -15.47 17.36 -28.02
N ALA B 53 -14.45 18.20 -27.70
CA ALA B 53 -13.56 17.86 -26.60
C ALA B 53 -14.24 18.02 -25.24
N PRO B 54 -13.81 17.22 -24.29
CA PRO B 54 -14.34 17.31 -22.96
C PRO B 54 -13.57 18.40 -22.21
N GLU B 55 -14.01 18.76 -21.03
CA GLU B 55 -13.20 19.67 -20.28
C GLU B 55 -12.14 18.87 -19.49
N GLU B 56 -11.17 19.57 -18.98
CA GLU B 56 -10.11 18.91 -18.25
C GLU B 56 -9.71 19.91 -17.28
N ARG B 57 -9.58 19.50 -16.03
CA ARG B 57 -9.20 20.44 -15.02
C ARG B 57 -7.73 20.27 -14.75
N ALA B 58 -7.01 21.36 -15.04
CA ALA B 58 -5.54 21.36 -14.94
C ALA B 58 -5.00 22.60 -14.19
N ARG B 59 -4.39 22.44 -12.99
CA ARG B 59 -3.84 23.60 -12.25
C ARG B 59 -4.94 24.61 -11.81
N GLY B 60 -6.17 24.16 -11.83
CA GLY B 60 -7.31 24.94 -11.39
C GLY B 60 -8.15 25.50 -12.58
N ILE B 61 -7.51 25.36 -13.77
CA ILE B 61 -8.06 25.78 -15.07
C ILE B 61 -8.82 24.68 -15.85
N THR B 62 -9.87 25.07 -16.58
CA THR B 62 -10.58 24.11 -17.41
C THR B 62 -10.20 24.31 -18.90
N ILE B 63 -9.80 23.22 -19.57
CA ILE B 63 -9.37 23.20 -20.96
C ILE B 63 -10.10 22.11 -21.74
N ASN B 64 -10.84 22.51 -22.76
CA ASN B 64 -11.45 21.52 -23.60
C ASN B 64 -10.29 20.93 -24.36
N THR B 65 -10.17 19.61 -24.24
CA THR B 65 -9.07 18.87 -24.82
C THR B 65 -9.47 17.55 -25.37
N ALA B 66 -8.95 17.23 -26.54
CA ALA B 66 -9.29 15.96 -27.17
C ALA B 66 -8.09 15.13 -27.41
N HIS B 67 -8.26 13.85 -27.15
CA HIS B 67 -7.16 12.95 -27.27
C HIS B 67 -7.45 11.85 -28.23
N VAL B 68 -6.35 11.36 -28.79
CA VAL B 68 -6.41 10.34 -29.80
C VAL B 68 -5.05 9.67 -29.82
N GLU B 69 -5.08 8.38 -30.11
CA GLU B 69 -3.86 7.55 -30.14
C GLU B 69 -3.77 6.90 -31.48
N TYR B 70 -2.56 6.82 -32.06
CA TYR B 70 -2.35 6.14 -33.37
C TYR B 70 -0.95 5.58 -33.26
N GLU B 71 -0.61 4.68 -34.19
CA GLU B 71 0.65 3.90 -34.18
C GLU B 71 1.25 3.86 -35.56
N THR B 72 2.56 4.00 -35.59
CA THR B 72 3.20 3.85 -36.87
C THR B 72 4.02 2.62 -36.60
N ALA B 73 4.81 2.24 -37.60
CA ALA B 73 5.77 1.17 -37.44
C ALA B 73 6.66 1.60 -36.30
N LYS B 74 7.20 2.79 -36.40
CA LYS B 74 8.09 3.23 -35.36
C LYS B 74 7.47 3.46 -33.95
N ARG B 75 6.26 4.03 -33.86
CA ARG B 75 5.75 4.32 -32.54
C ARG B 75 4.30 4.37 -32.26
N HIS B 76 4.14 4.71 -30.99
CA HIS B 76 2.85 4.93 -30.38
C HIS B 76 2.81 6.41 -30.06
N TYR B 77 1.82 7.07 -30.66
CA TYR B 77 1.61 8.49 -30.51
C TYR B 77 0.26 8.70 -29.84
N SER B 78 0.28 9.51 -28.79
CA SER B 78 -0.96 9.93 -28.17
C SER B 78 -0.94 11.39 -28.61
N HIS B 79 -2.08 11.82 -29.11
CA HIS B 79 -2.16 13.06 -29.81
C HIS B 79 -3.28 13.99 -29.33
N VAL B 80 -2.93 15.19 -28.96
CA VAL B 80 -3.97 16.11 -28.51
C VAL B 80 -4.47 17.01 -29.59
N ASP B 81 -5.66 17.49 -29.34
CA ASP B 81 -6.30 18.45 -30.19
C ASP B 81 -7.37 19.22 -29.37
N CYS B 82 -7.22 20.56 -29.30
CA CYS B 82 -8.23 21.40 -28.67
C CYS B 82 -8.91 22.29 -29.69
N PRO B 83 -10.15 22.59 -29.32
CA PRO B 83 -11.13 23.31 -30.08
C PRO B 83 -10.89 24.79 -30.21
N GLY B 84 -10.40 25.45 -29.14
CA GLY B 84 -10.22 26.88 -29.23
C GLY B 84 -8.84 27.43 -28.92
N HIS B 85 -8.60 28.64 -29.44
CA HIS B 85 -7.32 29.27 -29.28
C HIS B 85 -6.96 29.45 -27.81
N ALA B 86 -7.98 29.72 -26.99
CA ALA B 86 -7.76 29.80 -25.50
C ALA B 86 -7.20 28.47 -25.00
N ASP B 87 -7.93 27.40 -25.33
CA ASP B 87 -7.58 26.03 -25.01
C ASP B 87 -6.11 25.83 -25.31
N TYR B 88 -5.64 26.19 -26.50
CA TYR B 88 -4.18 26.02 -26.71
C TYR B 88 -3.30 26.77 -25.75
N ILE B 89 -3.68 28.00 -25.50
CA ILE B 89 -2.84 28.86 -24.65
C ILE B 89 -2.70 28.15 -23.34
N LYS B 90 -3.85 27.86 -22.74
CA LYS B 90 -3.94 27.22 -21.43
C LYS B 90 -3.16 25.87 -21.40
N ASN B 91 -3.61 24.93 -22.23
CA ASN B 91 -2.97 23.63 -22.37
C ASN B 91 -1.47 23.73 -22.41
N MET B 92 -0.95 24.35 -23.44
CA MET B 92 0.49 24.46 -23.59
C MET B 92 1.17 24.97 -22.42
N ILE B 93 0.49 25.84 -21.69
CA ILE B 93 1.12 26.46 -20.57
C ILE B 93 1.09 25.70 -19.27
N THR B 94 -0.08 25.20 -18.94
CA THR B 94 -0.15 24.47 -17.69
C THR B 94 0.51 23.15 -18.01
N GLY B 95 0.77 22.91 -19.29
CA GLY B 95 1.36 21.63 -19.68
C GLY B 95 0.46 20.46 -19.26
N ALA B 96 -0.85 20.56 -19.53
CA ALA B 96 -1.79 19.47 -19.26
C ALA B 96 -1.20 18.17 -19.82
N ALA B 97 -1.00 18.23 -21.14
CA ALA B 97 -0.37 17.19 -21.96
C ALA B 97 0.91 17.83 -22.59
N GLN B 98 2.07 17.19 -22.42
CA GLN B 98 3.27 17.83 -22.97
C GLN B 98 3.71 17.36 -24.33
N MET B 99 3.76 18.29 -25.30
CA MET B 99 4.12 17.94 -26.65
C MET B 99 5.56 17.61 -26.82
N ASP B 100 5.78 16.52 -27.50
CA ASP B 100 7.14 16.05 -27.72
C ASP B 100 7.54 16.66 -29.03
N GLY B 101 6.52 16.89 -29.83
CA GLY B 101 6.65 17.54 -31.11
C GLY B 101 5.22 17.91 -31.40
N ALA B 102 5.05 18.85 -32.33
CA ALA B 102 3.71 19.28 -32.70
C ALA B 102 3.59 19.33 -34.16
N ILE B 103 2.36 19.14 -34.60
CA ILE B 103 2.05 19.23 -36.00
C ILE B 103 1.27 20.52 -36.25
N LEU B 104 1.93 21.47 -36.89
CA LEU B 104 1.29 22.73 -37.21
C LEU B 104 0.55 22.74 -38.52
N VAL B 105 -0.76 22.94 -38.44
CA VAL B 105 -1.61 23.02 -39.61
C VAL B 105 -1.95 24.45 -40.05
N VAL B 106 -1.77 24.73 -41.34
CA VAL B 106 -2.02 26.04 -41.97
C VAL B 106 -2.84 25.99 -43.27
N SER B 107 -3.85 26.82 -43.41
CA SER B 107 -4.70 26.77 -44.60
C SER B 107 -3.91 27.34 -45.78
N ALA B 108 -3.84 26.48 -46.74
CA ALA B 108 -3.20 26.80 -47.98
C ALA B 108 -3.95 27.98 -48.63
N ALA B 109 -5.24 28.09 -48.37
CA ALA B 109 -5.96 29.21 -48.93
C ALA B 109 -5.58 30.55 -48.23
N ASP B 110 -5.22 30.50 -46.95
CA ASP B 110 -4.98 31.73 -46.21
C ASP B 110 -3.61 32.00 -45.75
N GLY B 111 -2.80 30.99 -45.64
CA GLY B 111 -1.47 31.24 -45.18
C GLY B 111 -1.63 31.25 -43.71
N PRO B 112 -0.51 31.43 -43.06
CA PRO B 112 -0.46 31.58 -41.65
C PRO B 112 -1.24 32.81 -41.25
N MET B 113 -1.75 32.68 -40.05
CA MET B 113 -2.58 33.65 -39.44
C MET B 113 -2.19 33.86 -38.00
N PRO B 114 -2.90 34.76 -37.37
CA PRO B 114 -2.53 35.21 -36.06
C PRO B 114 -2.34 34.12 -35.08
N GLN B 115 -3.33 33.26 -34.92
CA GLN B 115 -3.09 32.20 -33.95
C GLN B 115 -1.90 31.32 -34.36
N THR B 116 -1.76 31.18 -35.66
CA THR B 116 -0.66 30.46 -36.25
C THR B 116 0.60 31.01 -35.70
N ARG B 117 0.77 32.28 -35.87
CA ARG B 117 1.94 32.89 -35.31
C ARG B 117 2.02 32.73 -33.78
N GLU B 118 0.88 32.75 -33.13
CA GLU B 118 0.94 32.65 -31.67
C GLU B 118 1.42 31.30 -31.20
N HIS B 119 0.75 30.26 -31.67
CA HIS B 119 1.14 28.92 -31.32
C HIS B 119 2.63 28.68 -31.55
N ILE B 120 3.16 29.26 -32.63
CA ILE B 120 4.56 29.08 -32.88
C ILE B 120 5.31 29.64 -31.74
N LEU B 121 4.92 30.85 -31.38
CA LEU B 121 5.64 31.46 -30.26
C LEU B 121 5.55 30.61 -28.97
N LEU B 122 4.35 30.19 -28.62
CA LEU B 122 4.18 29.44 -27.39
C LEU B 122 5.00 28.17 -27.42
N ALA B 123 4.78 27.41 -28.48
CA ALA B 123 5.49 26.17 -28.68
C ALA B 123 6.95 26.44 -28.39
N ARG B 124 7.43 27.58 -28.86
CA ARG B 124 8.79 27.87 -28.55
C ARG B 124 8.99 28.21 -27.09
N GLN B 125 8.09 28.98 -26.49
CA GLN B 125 8.32 29.31 -25.08
C GLN B 125 8.13 28.07 -24.24
N VAL B 126 7.15 27.29 -24.63
CA VAL B 126 6.79 26.17 -23.84
C VAL B 126 7.75 25.02 -24.07
N GLY B 127 8.61 25.17 -25.05
CA GLY B 127 9.63 24.15 -25.25
C GLY B 127 9.51 23.09 -26.35
N VAL B 128 8.41 23.04 -27.09
CA VAL B 128 8.31 22.09 -28.20
C VAL B 128 9.53 21.93 -29.04
N PRO B 129 9.94 20.72 -29.01
CA PRO B 129 11.19 20.33 -29.59
C PRO B 129 11.09 20.27 -31.07
N TYR B 130 9.91 20.08 -31.63
CA TYR B 130 9.93 20.06 -33.05
C TYR B 130 8.60 20.30 -33.57
N ILE B 131 8.58 21.09 -34.65
CA ILE B 131 7.37 21.36 -35.38
C ILE B 131 7.50 20.85 -36.82
N VAL B 132 6.39 20.38 -37.35
CA VAL B 132 6.34 19.76 -38.63
C VAL B 132 5.08 20.29 -39.18
N VAL B 133 5.09 20.69 -40.44
CA VAL B 133 3.93 21.36 -40.92
C VAL B 133 3.14 20.55 -41.80
N PHE B 134 1.83 20.70 -41.66
CA PHE B 134 0.92 20.14 -42.58
C PHE B 134 0.08 21.29 -43.15
N MET B 135 0.33 21.59 -44.42
CA MET B 135 -0.42 22.53 -45.20
C MET B 135 -1.59 21.84 -45.81
N ASN B 136 -2.80 22.26 -45.38
CA ASN B 136 -4.07 21.59 -45.72
C ASN B 136 -4.97 22.38 -46.63
N LYS B 137 -6.02 21.77 -47.15
CA LYS B 137 -6.98 22.47 -47.96
C LYS B 137 -6.45 22.78 -49.36
N VAL B 138 -5.27 22.26 -49.59
CA VAL B 138 -4.54 22.41 -50.84
C VAL B 138 -5.46 22.16 -52.01
N ASP B 139 -6.51 21.41 -51.79
CA ASP B 139 -7.44 21.21 -52.86
C ASP B 139 -8.09 22.52 -53.28
N MET B 140 -7.78 23.61 -52.62
CA MET B 140 -8.52 24.79 -53.05
C MET B 140 -7.64 25.64 -53.96
N VAL B 141 -6.41 25.22 -54.11
CA VAL B 141 -5.40 25.98 -54.84
C VAL B 141 -4.51 25.21 -55.78
N ASP B 142 -4.63 25.52 -57.07
CA ASP B 142 -3.80 24.85 -58.08
C ASP B 142 -2.47 25.52 -58.20
N ASP B 143 -2.54 26.82 -58.30
CA ASP B 143 -1.38 27.64 -58.49
C ASP B 143 -0.24 27.33 -57.57
N PRO B 144 0.74 26.67 -58.11
CA PRO B 144 1.88 26.35 -57.33
C PRO B 144 2.59 27.60 -56.87
N GLU B 145 2.30 28.74 -57.45
CA GLU B 145 3.04 29.92 -56.97
C GLU B 145 2.49 30.27 -55.60
N LEU B 146 1.21 30.08 -55.49
CA LEU B 146 0.56 30.25 -54.23
C LEU B 146 1.02 29.26 -53.15
N LEU B 147 0.97 27.99 -53.47
CA LEU B 147 1.37 27.02 -52.49
C LEU B 147 2.76 27.28 -51.99
N ASP B 148 3.61 27.82 -52.84
CA ASP B 148 4.99 28.05 -52.41
C ASP B 148 4.95 29.25 -51.51
N LEU B 149 4.11 30.19 -51.90
CA LEU B 149 4.05 31.42 -51.13
C LEU B 149 3.79 31.11 -49.66
N VAL B 150 2.70 30.40 -49.43
CA VAL B 150 2.34 30.07 -48.11
C VAL B 150 3.42 29.33 -47.41
N GLU B 151 3.99 28.35 -48.09
CA GLU B 151 5.00 27.52 -47.46
C GLU B 151 6.09 28.38 -46.92
N MET B 152 6.45 29.32 -47.76
CA MET B 152 7.51 30.22 -47.33
C MET B 152 7.06 31.19 -46.21
N GLU B 153 5.76 31.54 -46.18
CA GLU B 153 5.25 32.47 -45.17
C GLU B 153 5.51 31.72 -43.92
N VAL B 154 5.09 30.46 -43.99
CA VAL B 154 5.27 29.58 -42.87
C VAL B 154 6.73 29.46 -42.41
N ARG B 155 7.62 29.02 -43.31
CA ARG B 155 9.02 28.95 -42.89
C ARG B 155 9.64 30.19 -42.25
N ASP B 156 9.34 31.35 -42.79
CA ASP B 156 9.89 32.54 -42.14
C ASP B 156 9.32 32.74 -40.71
N LEU B 157 8.03 32.46 -40.51
CA LEU B 157 7.53 32.59 -39.17
C LEU B 157 8.30 31.66 -38.28
N LEU B 158 8.45 30.39 -38.68
CA LEU B 158 9.18 29.50 -37.80
C LEU B 158 10.55 29.94 -37.54
N ASN B 159 11.10 30.55 -38.56
CA ASN B 159 12.46 30.96 -38.44
C ASN B 159 12.49 32.12 -37.49
N GLN B 160 11.42 32.89 -37.50
CA GLN B 160 11.40 34.05 -36.62
C GLN B 160 11.43 33.61 -35.14
N TYR B 161 10.93 32.42 -34.82
CA TYR B 161 10.89 32.01 -33.44
C TYR B 161 11.86 30.93 -33.17
N GLU B 162 12.81 30.80 -34.08
CA GLU B 162 13.95 29.95 -33.86
C GLU B 162 13.82 28.52 -34.27
N PHE B 163 12.66 28.13 -34.72
CA PHE B 163 12.57 26.81 -35.24
C PHE B 163 13.41 26.86 -36.49
N PRO B 164 13.90 25.74 -36.94
CA PRO B 164 14.68 25.66 -38.18
C PRO B 164 13.66 25.59 -39.33
N GLY B 165 13.09 26.74 -39.68
CA GLY B 165 12.01 26.81 -40.66
C GLY B 165 12.47 26.32 -41.98
N ASP B 166 13.75 26.56 -42.23
CA ASP B 166 14.37 26.20 -43.50
C ASP B 166 14.35 24.69 -43.72
N GLU B 167 14.44 23.92 -42.64
CA GLU B 167 14.50 22.48 -42.67
C GLU B 167 13.22 21.73 -42.41
N VAL B 168 12.25 22.26 -41.67
CA VAL B 168 11.14 21.37 -41.35
C VAL B 168 10.43 20.88 -42.58
N PRO B 169 9.50 19.95 -42.37
CA PRO B 169 8.74 19.39 -43.42
C PRO B 169 7.47 20.13 -43.52
N VAL B 170 7.18 20.51 -44.73
CA VAL B 170 5.95 21.18 -45.04
C VAL B 170 5.27 20.27 -46.01
N ILE B 171 4.37 19.45 -45.49
CA ILE B 171 3.63 18.52 -46.30
C ILE B 171 2.35 19.15 -46.82
N ARG B 172 2.08 19.01 -48.12
CA ARG B 172 0.88 19.63 -48.69
C ARG B 172 -0.23 18.65 -48.98
N GLY B 173 -1.38 18.82 -48.35
CA GLY B 173 -2.44 17.87 -48.62
C GLY B 173 -3.82 18.36 -48.27
N SER B 174 -4.73 17.38 -48.22
CA SER B 174 -6.15 17.57 -47.90
C SER B 174 -6.56 16.56 -46.89
N ALA B 175 -6.68 16.97 -45.63
CA ALA B 175 -7.13 16.08 -44.60
C ALA B 175 -8.54 15.68 -44.91
N LEU B 176 -9.33 16.61 -45.41
CA LEU B 176 -10.72 16.24 -45.67
C LEU B 176 -10.80 15.02 -46.64
N LEU B 177 -10.15 15.17 -47.80
CA LEU B 177 -10.08 14.08 -48.78
C LEU B 177 -9.49 12.71 -48.35
N ALA B 178 -8.36 12.73 -47.63
CA ALA B 178 -7.80 11.49 -47.10
C ALA B 178 -8.86 10.85 -46.23
N LEU B 179 -9.37 11.59 -45.26
CA LEU B 179 -10.43 11.11 -44.40
C LEU B 179 -11.57 10.48 -45.10
N GLU B 180 -12.07 11.05 -46.19
CA GLU B 180 -13.15 10.30 -46.85
C GLU B 180 -12.71 9.03 -47.49
N GLU B 181 -11.46 8.98 -47.96
CA GLU B 181 -11.07 7.73 -48.58
C GLU B 181 -11.04 6.68 -47.53
N MET B 182 -10.37 6.99 -46.41
CA MET B 182 -10.29 6.05 -45.32
C MET B 182 -11.72 5.65 -45.02
N HIS B 183 -12.62 6.55 -45.28
CA HIS B 183 -13.99 6.23 -45.03
C HIS B 183 -14.52 5.26 -46.02
N LYS B 184 -14.30 5.56 -47.28
CA LYS B 184 -14.79 4.77 -48.37
C LYS B 184 -14.10 3.38 -48.29
N ASN B 185 -12.83 3.37 -47.94
CA ASN B 185 -12.02 2.19 -48.04
C ASN B 185 -11.06 2.12 -46.88
N PRO B 186 -11.59 1.62 -45.78
CA PRO B 186 -10.90 1.51 -44.52
C PRO B 186 -9.66 0.80 -44.76
N LYS B 187 -9.73 -0.07 -45.74
CA LYS B 187 -8.61 -0.93 -45.89
C LYS B 187 -7.57 -0.40 -46.76
N THR B 188 -7.79 0.80 -47.27
CA THR B 188 -6.83 1.39 -48.18
C THR B 188 -5.50 1.46 -47.56
N LYS B 189 -4.47 1.22 -48.33
CA LYS B 189 -3.15 1.22 -47.74
C LYS B 189 -2.30 2.09 -48.57
N ARG B 190 -1.02 2.10 -48.22
CA ARG B 190 -0.08 2.98 -48.89
C ARG B 190 -0.20 2.89 -50.41
N GLY B 191 0.49 3.72 -51.15
CA GLY B 191 0.42 3.61 -52.61
C GLY B 191 -0.98 3.58 -53.23
N GLU B 192 -1.97 3.04 -52.55
CA GLU B 192 -3.27 3.00 -53.18
C GLU B 192 -3.82 4.37 -53.52
N ASN B 193 -3.94 5.28 -52.53
CA ASN B 193 -4.49 6.62 -52.82
C ASN B 193 -3.65 7.82 -52.48
N GLU B 194 -3.75 8.81 -53.36
CA GLU B 194 -2.97 10.03 -53.26
C GLU B 194 -3.14 10.88 -52.03
N TRP B 195 -4.38 11.13 -51.66
CA TRP B 195 -4.70 11.95 -50.52
C TRP B 195 -4.21 11.23 -49.30
N VAL B 196 -4.54 9.94 -49.20
CA VAL B 196 -4.03 9.17 -48.09
C VAL B 196 -2.54 9.16 -47.97
N ASP B 197 -1.93 9.14 -49.11
CA ASP B 197 -0.49 9.06 -49.09
C ASP B 197 0.19 10.32 -48.50
N LYS B 198 -0.51 11.45 -48.57
CA LYS B 198 0.06 12.66 -48.01
C LYS B 198 0.07 12.50 -46.49
N ILE B 199 -0.98 11.88 -45.97
CA ILE B 199 -0.99 11.56 -44.57
C ILE B 199 0.19 10.66 -44.23
N TRP B 200 0.45 9.67 -45.10
CA TRP B 200 1.64 8.80 -44.85
C TRP B 200 2.92 9.66 -44.80
N GLU B 201 3.00 10.73 -45.59
CA GLU B 201 4.24 11.49 -45.50
C GLU B 201 4.35 12.14 -44.15
N LEU B 202 3.17 12.53 -43.67
CA LEU B 202 3.07 13.25 -42.41
C LEU B 202 3.55 12.32 -41.35
N LEU B 203 2.91 11.16 -41.32
CA LEU B 203 3.28 10.16 -40.35
C LEU B 203 4.78 9.84 -40.45
N ASP B 204 5.26 9.67 -41.67
CA ASP B 204 6.69 9.42 -41.80
C ASP B 204 7.49 10.57 -41.24
N ALA B 205 7.07 11.78 -41.63
CA ALA B 205 7.75 13.00 -41.23
C ALA B 205 7.89 13.06 -39.73
N ILE B 206 6.77 12.74 -39.09
CA ILE B 206 6.69 12.69 -37.66
C ILE B 206 7.73 11.75 -37.11
N ASP B 207 7.62 10.46 -37.51
CA ASP B 207 8.52 9.42 -37.04
C ASP B 207 9.93 9.92 -37.25
N GLU B 208 10.16 10.52 -38.40
CA GLU B 208 11.52 10.98 -38.61
C GLU B 208 12.03 12.18 -37.85
N TYR B 209 11.29 13.27 -37.96
CA TYR B 209 11.69 14.57 -37.42
C TYR B 209 11.53 14.85 -35.96
N ILE B 210 10.51 14.26 -35.40
CA ILE B 210 10.29 14.45 -34.00
C ILE B 210 11.11 13.50 -33.23
N PRO B 211 12.13 14.02 -32.58
CA PRO B 211 13.08 13.19 -31.83
C PRO B 211 12.38 12.34 -30.84
N THR B 212 12.96 11.18 -30.60
CA THR B 212 12.41 10.26 -29.64
C THR B 212 12.99 10.76 -28.32
N PRO B 213 12.10 10.88 -27.36
CA PRO B 213 12.35 11.51 -26.06
C PRO B 213 13.04 10.69 -25.02
N VAL B 214 13.62 11.41 -24.05
CA VAL B 214 14.22 10.73 -22.96
C VAL B 214 13.21 10.24 -21.99
N ARG B 215 13.43 9.00 -21.57
CA ARG B 215 12.52 8.36 -20.67
C ARG B 215 12.92 8.98 -19.33
N ASP B 216 11.92 9.30 -18.51
CA ASP B 216 12.17 10.03 -17.28
C ASP B 216 13.30 9.42 -16.47
N VAL B 217 13.14 8.13 -16.25
CA VAL B 217 14.10 7.35 -15.53
C VAL B 217 15.48 7.51 -16.08
N ASP B 218 15.56 7.89 -17.34
CA ASP B 218 16.88 8.09 -17.92
C ASP B 218 17.40 9.51 -17.79
N LYS B 219 16.51 10.47 -17.44
CA LYS B 219 16.90 11.90 -17.23
C LYS B 219 17.66 11.97 -15.91
N PRO B 220 18.46 13.02 -15.72
CA PRO B 220 19.24 13.16 -14.49
C PRO B 220 18.40 13.24 -13.23
N PHE B 221 18.88 12.55 -12.22
CA PHE B 221 18.17 12.41 -10.98
C PHE B 221 17.77 13.70 -10.34
N LEU B 222 16.50 13.73 -9.96
CA LEU B 222 15.98 14.85 -9.26
C LEU B 222 14.81 14.45 -8.43
N MET B 223 14.85 14.91 -7.20
CA MET B 223 13.74 14.72 -6.28
C MET B 223 13.63 15.94 -5.38
N PRO B 224 12.42 16.44 -5.40
CA PRO B 224 12.02 17.62 -4.75
C PRO B 224 11.58 17.20 -3.39
N VAL B 225 12.13 17.89 -2.39
CA VAL B 225 11.84 17.68 -0.99
C VAL B 225 10.45 18.05 -0.58
N GLU B 226 9.80 17.09 0.03
CA GLU B 226 8.49 17.34 0.52
C GLU B 226 8.55 17.49 2.05
N ASP B 227 9.10 16.49 2.75
CA ASP B 227 9.20 16.58 4.19
C ASP B 227 10.59 16.23 4.66
N VAL B 228 10.95 16.73 5.84
CA VAL B 228 12.25 16.38 6.41
C VAL B 228 12.04 15.89 7.81
N PHE B 229 12.79 14.86 8.15
CA PHE B 229 12.59 14.17 9.41
C PHE B 229 13.95 13.68 9.90
N THR B 230 13.95 13.30 11.18
CA THR B 230 15.09 12.62 11.79
C THR B 230 14.76 11.26 12.43
N ILE B 231 15.56 10.27 12.05
CA ILE B 231 15.44 8.93 12.60
C ILE B 231 16.56 8.80 13.63
N THR B 232 16.23 9.20 14.87
CA THR B 232 17.12 9.24 16.04
C THR B 232 18.60 8.79 15.90
N GLY B 233 18.83 7.50 15.82
CA GLY B 233 20.19 7.01 15.69
C GLY B 233 20.58 6.92 14.24
N ARG B 234 19.61 7.17 13.38
CA ARG B 234 19.84 7.18 11.95
C ARG B 234 20.24 8.62 11.56
N GLY B 235 19.27 9.54 11.54
CA GLY B 235 19.60 10.92 11.19
C GLY B 235 18.55 11.66 10.35
N THR B 236 19.01 12.43 9.36
CA THR B 236 18.09 13.18 8.52
C THR B 236 17.42 12.53 7.29
N VAL B 237 16.14 12.83 7.20
CA VAL B 237 15.35 12.28 6.12
C VAL B 237 14.51 13.19 5.22
N ALA B 238 14.86 13.21 3.95
CA ALA B 238 14.16 14.02 2.94
C ALA B 238 13.21 13.13 2.23
N THR B 239 11.93 13.45 2.29
CA THR B 239 11.00 12.61 1.58
C THR B 239 10.33 13.29 0.38
N GLY B 240 9.79 12.46 -0.51
CA GLY B 240 9.07 12.95 -1.70
C GLY B 240 9.10 12.00 -2.91
N ARG B 241 8.23 12.24 -3.89
CA ARG B 241 8.17 11.44 -5.13
C ARG B 241 9.29 11.85 -6.05
N ILE B 242 10.02 10.88 -6.60
CA ILE B 242 11.15 11.15 -7.51
C ILE B 242 10.64 11.57 -8.85
N GLU B 243 11.20 12.64 -9.36
CA GLU B 243 10.70 13.20 -10.60
C GLU B 243 11.40 12.52 -11.72
N ARG B 244 12.69 12.28 -11.54
CA ARG B 244 13.41 11.68 -12.62
C ARG B 244 14.72 11.00 -12.31
N GLY B 245 14.98 9.96 -13.12
CA GLY B 245 16.17 9.12 -13.04
C GLY B 245 16.01 8.15 -11.89
N LYS B 246 17.14 7.93 -11.19
CA LYS B 246 17.12 7.06 -10.03
C LYS B 246 18.22 7.23 -8.98
N VAL B 247 17.93 6.78 -7.78
CA VAL B 247 18.92 6.82 -6.76
C VAL B 247 19.10 5.48 -6.11
N LYS B 248 20.36 5.19 -5.87
CA LYS B 248 20.70 4.03 -5.10
C LYS B 248 21.61 4.56 -4.01
N VAL B 249 21.62 3.87 -2.88
CA VAL B 249 22.46 4.26 -1.77
C VAL B 249 23.90 4.49 -2.21
N GLY B 250 24.55 5.34 -1.43
CA GLY B 250 25.92 5.70 -1.72
C GLY B 250 25.98 6.71 -2.85
N ASP B 251 24.84 6.93 -3.51
CA ASP B 251 24.76 7.95 -4.57
C ASP B 251 24.94 9.31 -3.85
N GLU B 252 25.74 10.21 -4.43
CA GLU B 252 25.92 11.55 -3.83
C GLU B 252 25.08 12.55 -4.62
N VAL B 253 24.43 13.46 -3.92
CA VAL B 253 23.50 14.36 -4.56
C VAL B 253 23.59 15.74 -3.97
N GLU B 254 23.08 16.71 -4.72
CA GLU B 254 23.07 18.06 -4.24
C GLU B 254 21.71 18.39 -3.76
N ILE B 255 21.72 19.19 -2.71
CA ILE B 255 20.52 19.79 -2.19
C ILE B 255 20.51 21.17 -2.74
N VAL B 256 19.57 21.41 -3.67
CA VAL B 256 19.40 22.71 -4.35
C VAL B 256 18.16 23.55 -4.05
N GLY B 257 18.42 24.86 -3.84
CA GLY B 257 17.42 25.92 -3.65
C GLY B 257 17.35 26.54 -2.28
N LEU B 258 16.69 27.68 -2.17
CA LEU B 258 16.34 28.25 -0.88
C LEU B 258 17.49 28.61 0.02
N ALA B 259 18.38 27.69 0.19
CA ALA B 259 19.47 27.98 1.04
C ALA B 259 20.39 28.94 0.26
N PRO B 260 21.25 29.60 1.00
CA PRO B 260 22.21 30.51 0.44
C PRO B 260 23.24 29.82 -0.38
N GLU B 261 23.36 28.51 -0.24
CA GLU B 261 24.36 27.78 -1.00
C GLU B 261 23.98 26.31 -1.24
N THR B 262 24.56 25.68 -2.25
CA THR B 262 24.21 24.29 -2.52
C THR B 262 25.00 23.30 -1.71
N ARG B 263 24.28 22.34 -1.13
CA ARG B 263 24.98 21.32 -0.40
C ARG B 263 24.97 19.97 -1.06
N LYS B 264 26.07 19.25 -0.83
CA LYS B 264 26.27 17.89 -1.35
C LYS B 264 26.20 16.88 -0.16
N THR B 265 25.59 15.69 -0.38
CA THR B 265 25.56 14.59 0.61
C THR B 265 25.55 13.26 -0.10
N VAL B 266 25.32 12.21 0.69
CA VAL B 266 25.18 10.88 0.13
C VAL B 266 23.93 10.23 0.66
N VAL B 267 23.12 9.67 -0.22
CA VAL B 267 21.96 9.00 0.29
C VAL B 267 22.60 7.84 0.98
N THR B 268 22.17 7.64 2.22
CA THR B 268 22.69 6.53 2.98
C THR B 268 21.55 5.60 3.25
N GLY B 269 20.41 5.89 2.62
CA GLY B 269 19.27 5.04 2.83
C GLY B 269 18.04 5.49 2.13
N VAL B 270 17.56 4.64 1.23
CA VAL B 270 16.29 4.82 0.53
C VAL B 270 15.28 4.07 1.40
N GLU B 271 14.03 3.95 0.98
CA GLU B 271 13.05 3.27 1.81
C GLU B 271 11.70 3.63 1.25
N MET B 272 10.77 2.67 1.25
CA MET B 272 9.44 2.93 0.76
C MET B 272 8.52 1.89 1.29
N HIS B 273 7.28 2.27 1.51
CA HIS B 273 6.26 1.35 2.00
C HIS B 273 6.81 0.66 3.24
N ARG B 274 7.53 1.42 4.07
CA ARG B 274 8.13 0.99 5.36
C ARG B 274 9.36 0.17 5.17
N LYS B 275 9.18 -0.83 4.38
CA LYS B 275 10.31 -1.65 4.09
C LYS B 275 11.42 -0.76 3.48
N THR B 276 12.60 -1.33 3.46
CA THR B 276 13.75 -0.78 2.77
C THR B 276 13.53 -0.79 1.21
N LEU B 277 14.63 -0.66 0.45
CA LEU B 277 14.62 -0.52 -1.02
C LEU B 277 16.04 -0.24 -1.60
N GLN B 278 16.48 -0.99 -2.62
CA GLN B 278 17.86 -0.84 -3.13
C GLN B 278 18.11 0.39 -4.00
N GLU B 279 17.09 0.72 -4.81
CA GLU B 279 17.14 1.86 -5.73
C GLU B 279 15.85 2.67 -5.77
N GLY B 280 16.01 3.97 -5.83
CA GLY B 280 14.89 4.87 -5.92
C GLY B 280 14.75 5.23 -7.39
N ILE B 281 13.57 5.00 -7.94
CA ILE B 281 13.36 5.25 -9.34
C ILE B 281 12.22 6.18 -9.65
N ALA B 282 12.43 6.96 -10.70
CA ALA B 282 11.49 7.95 -11.16
C ALA B 282 10.07 7.49 -10.96
N GLY B 283 9.27 8.26 -10.28
CA GLY B 283 7.89 7.83 -10.06
C GLY B 283 7.68 7.37 -8.65
N ASP B 284 8.78 6.94 -8.04
CA ASP B 284 8.78 6.42 -6.67
C ASP B 284 8.70 7.47 -5.59
N ASN B 285 7.82 7.24 -4.63
CA ASN B 285 7.76 8.11 -3.47
C ASN B 285 8.61 7.56 -2.31
N VAL B 286 9.84 8.01 -2.16
CA VAL B 286 10.67 7.50 -1.12
C VAL B 286 10.87 8.45 0.05
N GLY B 287 11.95 8.19 0.78
CA GLY B 287 12.44 8.96 1.91
C GLY B 287 13.94 8.61 1.83
N LEU B 288 14.79 9.60 1.75
CA LEU B 288 16.17 9.27 1.65
C LEU B 288 16.87 9.69 2.92
N LEU B 289 17.96 8.99 3.21
CA LEU B 289 18.75 9.28 4.37
C LEU B 289 19.90 10.08 3.91
N LEU B 290 19.89 11.34 4.35
CA LEU B 290 20.95 12.23 3.94
C LEU B 290 22.08 12.18 4.93
N ARG B 291 23.28 12.02 4.40
CA ARG B 291 24.42 11.82 5.24
C ARG B 291 25.14 13.08 5.56
N GLY B 292 25.05 13.45 6.82
CA GLY B 292 25.76 14.59 7.38
C GLY B 292 25.06 15.91 7.15
N VAL B 293 23.74 15.85 7.29
CA VAL B 293 22.90 17.00 7.04
C VAL B 293 21.95 17.36 8.16
N SER B 294 22.10 18.57 8.62
CA SER B 294 21.29 19.04 9.70
C SER B 294 19.83 19.00 9.28
N ARG B 295 18.94 18.99 10.26
CA ARG B 295 17.51 19.03 9.99
C ARG B 295 17.22 20.44 9.49
N GLU B 296 18.25 21.27 9.51
CA GLU B 296 18.16 22.66 9.08
C GLU B 296 18.70 22.70 7.67
N GLU B 297 19.82 22.05 7.47
CA GLU B 297 20.42 22.11 6.19
C GLU B 297 19.53 21.66 5.01
N VAL B 298 18.40 21.02 5.35
CA VAL B 298 17.48 20.53 4.33
C VAL B 298 16.03 20.86 4.58
N GLU B 299 15.33 21.37 3.57
CA GLU B 299 13.92 21.73 3.74
C GLU B 299 13.01 21.53 2.51
N ARG B 300 11.71 21.44 2.81
CA ARG B 300 10.67 21.36 1.82
C ARG B 300 10.86 22.46 0.85
N GLY B 301 10.67 22.16 -0.44
CA GLY B 301 10.87 23.18 -1.47
C GLY B 301 12.23 23.08 -2.16
N GLN B 302 13.24 22.54 -1.48
CA GLN B 302 14.48 22.37 -2.21
C GLN B 302 14.39 21.14 -3.09
N VAL B 303 15.44 20.82 -3.82
CA VAL B 303 15.38 19.60 -4.55
C VAL B 303 16.69 18.99 -4.38
N LEU B 304 16.71 17.67 -4.51
CA LEU B 304 17.93 16.90 -4.41
C LEU B 304 18.13 16.49 -5.81
N ALA B 305 19.36 16.53 -6.28
CA ALA B 305 19.52 16.10 -7.63
C ALA B 305 20.87 15.68 -7.95
N LYS B 306 20.98 15.07 -9.12
CA LYS B 306 22.27 14.61 -9.57
C LYS B 306 23.14 15.82 -9.62
N PRO B 307 24.32 15.65 -9.08
CA PRO B 307 25.21 16.74 -8.96
C PRO B 307 25.49 17.45 -10.24
N GLY B 308 25.38 18.77 -10.10
CA GLY B 308 25.62 19.70 -11.17
C GLY B 308 24.50 19.67 -12.15
N SER B 309 23.39 19.04 -11.80
CA SER B 309 22.34 18.96 -12.77
C SER B 309 21.39 20.16 -12.93
N ILE B 310 21.27 20.98 -11.88
CA ILE B 310 20.32 22.04 -11.91
C ILE B 310 20.88 23.01 -10.98
N THR B 311 20.65 24.29 -11.31
CA THR B 311 21.21 25.45 -10.58
C THR B 311 20.16 26.36 -9.94
N PRO B 312 20.56 27.03 -8.87
CA PRO B 312 19.64 27.87 -8.12
C PRO B 312 19.68 29.23 -8.71
N HIS B 313 18.56 29.93 -8.58
CA HIS B 313 18.40 31.23 -9.18
C HIS B 313 17.31 32.00 -8.52
N THR B 314 17.15 33.25 -8.96
CA THR B 314 16.09 34.11 -8.43
C THR B 314 15.48 34.95 -9.49
N LYS B 315 16.20 35.20 -10.57
CA LYS B 315 15.65 36.03 -11.68
C LYS B 315 15.35 35.16 -12.90
N PHE B 316 14.15 35.28 -13.42
CA PHE B 316 13.85 34.54 -14.61
C PHE B 316 12.75 35.17 -15.43
N GLU B 317 12.64 34.74 -16.66
CA GLU B 317 11.58 35.19 -17.52
C GLU B 317 10.65 34.00 -17.64
N ALA B 318 9.37 34.30 -17.86
CA ALA B 318 8.30 33.31 -17.96
C ALA B 318 7.12 33.74 -18.82
N SER B 319 6.50 32.75 -19.46
CA SER B 319 5.30 32.98 -20.25
C SER B 319 4.15 32.55 -19.37
N VAL B 320 3.14 33.38 -19.25
CA VAL B 320 2.16 33.14 -18.24
C VAL B 320 0.78 33.33 -18.72
N TYR B 321 -0.16 32.75 -18.00
CA TYR B 321 -1.57 32.91 -18.25
C TYR B 321 -2.29 33.25 -16.93
N ILE B 322 -3.06 34.33 -16.93
CA ILE B 322 -3.78 34.81 -15.77
C ILE B 322 -5.28 34.49 -15.76
N LEU B 323 -5.69 33.83 -14.68
CA LEU B 323 -7.03 33.38 -14.55
C LEU B 323 -7.98 34.50 -14.68
N LYS B 324 -9.11 34.20 -15.22
CA LYS B 324 -10.15 35.15 -15.25
C LYS B 324 -10.75 35.09 -13.86
N LYS B 325 -11.56 36.07 -13.60
CA LYS B 325 -12.22 36.09 -12.36
C LYS B 325 -13.17 34.93 -12.38
N GLU B 326 -13.93 34.81 -13.45
CA GLU B 326 -14.89 33.69 -13.57
C GLU B 326 -14.20 32.32 -13.28
N GLU B 327 -12.88 32.26 -13.44
CA GLU B 327 -12.21 30.99 -13.22
C GLU B 327 -11.64 30.97 -11.85
N GLY B 328 -12.03 31.93 -11.04
CA GLY B 328 -11.47 32.01 -9.70
C GLY B 328 -10.16 32.80 -9.56
N GLY B 329 -9.83 33.68 -10.51
CA GLY B 329 -8.52 34.38 -10.42
C GLY B 329 -8.70 35.72 -9.77
N ARG B 330 -7.71 36.63 -9.95
CA ARG B 330 -7.81 38.02 -9.51
C ARG B 330 -9.04 38.64 -10.19
N HIS B 331 -9.41 39.86 -9.80
CA HIS B 331 -10.65 40.47 -10.31
C HIS B 331 -10.36 41.90 -10.76
N THR B 332 -9.06 42.21 -10.72
CA THR B 332 -8.56 43.47 -11.19
C THR B 332 -7.19 43.18 -11.67
N GLY B 333 -6.67 44.08 -12.48
CA GLY B 333 -5.36 43.83 -13.06
C GLY B 333 -4.24 44.19 -12.13
N PHE B 334 -3.03 44.26 -12.67
CA PHE B 334 -1.88 44.59 -11.88
C PHE B 334 -0.78 45.14 -12.80
N PHE B 335 0.17 45.76 -12.13
CA PHE B 335 1.27 46.44 -12.77
C PHE B 335 2.56 45.80 -12.39
N THR B 336 3.59 46.41 -12.89
CA THR B 336 4.89 45.97 -12.57
C THR B 336 4.94 46.27 -11.10
N GLY B 337 5.55 45.37 -10.34
CA GLY B 337 5.64 45.54 -8.91
C GLY B 337 4.68 44.52 -8.26
N TYR B 338 3.85 43.88 -9.07
CA TYR B 338 2.99 42.84 -8.53
C TYR B 338 3.91 41.78 -7.84
N ARG B 339 3.52 41.31 -6.66
CA ARG B 339 4.40 40.41 -5.93
C ARG B 339 3.73 39.25 -5.26
N PRO B 340 3.20 38.32 -6.07
CA PRO B 340 2.44 37.20 -5.57
C PRO B 340 3.39 36.17 -5.08
N GLN B 341 2.90 34.93 -5.04
CA GLN B 341 3.66 33.79 -4.55
C GLN B 341 3.83 32.87 -5.73
N PHE B 342 5.07 32.49 -6.01
CA PHE B 342 5.34 31.59 -7.12
C PHE B 342 5.61 30.26 -6.54
N TYR B 343 4.71 29.37 -6.86
CA TYR B 343 4.70 28.03 -6.31
C TYR B 343 5.41 27.06 -7.22
N PHE B 344 6.64 26.80 -6.82
CA PHE B 344 7.52 25.93 -7.49
C PHE B 344 7.52 24.56 -6.87
N ARG B 345 6.88 23.63 -7.57
CA ARG B 345 6.89 22.24 -7.21
C ARG B 345 6.14 22.02 -5.93
N THR B 346 6.75 22.37 -4.82
CA THR B 346 6.10 22.11 -3.55
C THR B 346 5.82 23.32 -2.74
N THR B 347 6.52 24.43 -2.96
CA THR B 347 6.22 25.60 -2.14
C THR B 347 6.15 26.89 -2.82
N ASP B 348 5.50 27.83 -2.13
CA ASP B 348 5.37 29.18 -2.59
C ASP B 348 6.71 29.89 -2.38
N VAL B 349 7.10 30.73 -3.32
CA VAL B 349 8.26 31.54 -3.10
C VAL B 349 7.90 32.89 -3.67
N THR B 350 7.93 33.88 -2.81
CA THR B 350 7.48 35.19 -3.19
C THR B 350 8.31 35.71 -4.30
N GLY B 351 7.71 36.59 -5.10
CA GLY B 351 8.45 37.22 -6.17
C GLY B 351 7.77 38.46 -6.66
N VAL B 352 8.58 39.36 -7.18
CA VAL B 352 8.07 40.60 -7.76
C VAL B 352 8.14 40.48 -9.26
N VAL B 353 7.06 40.88 -9.90
CA VAL B 353 7.00 40.89 -11.31
C VAL B 353 7.37 42.23 -11.96
N ARG B 354 7.89 42.15 -13.18
CA ARG B 354 8.15 43.31 -13.98
C ARG B 354 7.62 43.05 -15.38
N LEU B 355 6.63 43.85 -15.72
CA LEU B 355 6.06 43.83 -17.05
C LEU B 355 7.05 44.43 -18.02
N PRO B 356 7.06 43.88 -19.21
CA PRO B 356 7.87 44.35 -20.34
C PRO B 356 7.32 45.66 -20.97
N GLN B 357 8.21 46.37 -21.70
CA GLN B 357 7.85 47.60 -22.37
C GLN B 357 6.74 47.26 -23.24
N GLY B 358 5.69 48.08 -23.20
CA GLY B 358 4.56 47.82 -24.04
C GLY B 358 3.44 47.31 -23.20
N VAL B 359 3.79 46.64 -22.11
CA VAL B 359 2.76 46.19 -21.19
C VAL B 359 2.82 47.07 -19.99
N GLU B 360 1.64 47.51 -19.58
CA GLU B 360 1.58 48.42 -18.47
C GLU B 360 0.70 47.95 -17.36
N MET B 361 -0.31 47.17 -17.67
CA MET B 361 -1.10 46.60 -16.62
C MET B 361 -1.60 45.25 -17.15
N VAL B 362 -1.55 44.18 -16.36
CA VAL B 362 -1.98 42.89 -16.87
C VAL B 362 -3.39 42.65 -16.36
N MET B 363 -4.22 41.95 -17.12
CA MET B 363 -5.58 41.71 -16.65
C MET B 363 -5.96 40.29 -16.67
N PRO B 364 -6.93 40.01 -15.81
CA PRO B 364 -7.44 38.70 -15.63
C PRO B 364 -7.81 38.16 -16.97
N GLY B 365 -7.34 36.96 -17.27
CA GLY B 365 -7.60 36.34 -18.54
C GLY B 365 -6.44 36.55 -19.54
N ASP B 366 -5.54 37.51 -19.29
CA ASP B 366 -4.42 37.80 -20.18
C ASP B 366 -3.43 36.69 -20.16
N ASN B 367 -2.55 36.67 -21.14
CA ASN B 367 -1.47 35.72 -21.08
C ASN B 367 -0.36 36.49 -21.68
N VAL B 368 0.75 36.48 -21.02
CA VAL B 368 1.79 37.36 -21.35
C VAL B 368 3.06 36.76 -20.90
N THR B 369 4.04 37.62 -20.89
CA THR B 369 5.37 37.20 -20.65
C THR B 369 6.03 38.28 -19.89
N PHE B 370 6.65 37.97 -18.77
CA PHE B 370 7.35 39.01 -18.09
C PHE B 370 8.46 38.36 -17.35
N THR B 371 9.14 39.14 -16.53
CA THR B 371 10.19 38.61 -15.66
C THR B 371 9.74 38.72 -14.22
N VAL B 372 10.40 37.91 -13.41
CA VAL B 372 10.12 37.81 -12.01
C VAL B 372 11.43 37.84 -11.27
N GLU B 373 11.41 38.11 -9.96
CA GLU B 373 12.64 38.03 -9.19
C GLU B 373 12.28 37.63 -7.79
N LEU B 374 12.76 36.44 -7.43
CA LEU B 374 12.35 35.78 -6.20
C LEU B 374 13.06 36.23 -4.98
N ILE B 375 12.42 36.06 -3.86
CA ILE B 375 13.08 36.45 -2.65
C ILE B 375 14.24 35.53 -2.35
N LYS B 376 14.06 34.23 -2.50
CA LYS B 376 15.16 33.29 -2.30
C LYS B 376 15.35 32.53 -3.58
N PRO B 377 16.50 31.88 -3.70
CA PRO B 377 16.80 31.14 -4.91
C PRO B 377 16.00 29.90 -4.92
N VAL B 378 15.90 29.32 -6.09
CA VAL B 378 15.12 28.12 -6.25
C VAL B 378 15.77 27.37 -7.38
N ALA B 379 15.60 26.06 -7.36
CA ALA B 379 16.22 25.26 -8.39
C ALA B 379 15.39 25.48 -9.60
N LEU B 380 15.89 26.29 -10.51
CA LEU B 380 15.11 26.58 -11.70
C LEU B 380 15.77 26.15 -12.97
N GLU B 381 14.95 25.85 -13.97
CA GLU B 381 15.37 25.54 -15.31
C GLU B 381 14.27 25.94 -16.26
N GLU B 382 14.69 26.25 -17.47
CA GLU B 382 13.74 26.59 -18.52
C GLU B 382 12.82 25.45 -18.64
N GLY B 383 11.54 25.72 -18.79
CA GLY B 383 10.58 24.65 -18.92
C GLY B 383 9.89 24.35 -17.61
N LEU B 384 10.59 24.66 -16.52
CA LEU B 384 10.00 24.53 -15.20
C LEU B 384 8.62 25.24 -15.22
N ARG B 385 7.60 24.50 -14.88
CA ARG B 385 6.27 25.07 -14.90
C ARG B 385 6.02 25.56 -13.47
N PHE B 386 5.05 26.45 -13.23
CA PHE B 386 4.70 26.91 -11.85
C PHE B 386 3.31 27.55 -11.68
N ALA B 387 3.00 27.93 -10.45
CA ALA B 387 1.71 28.59 -10.26
C ALA B 387 1.91 29.88 -9.57
N ILE B 388 0.99 30.78 -9.86
CA ILE B 388 1.00 32.10 -9.22
C ILE B 388 -0.19 32.11 -8.35
N ARG B 389 0.11 32.27 -7.06
CA ARG B 389 -0.93 32.25 -6.05
C ARG B 389 -1.03 33.49 -5.18
N GLU B 390 -2.27 33.65 -4.70
CA GLU B 390 -2.68 34.75 -3.86
C GLU B 390 -3.50 34.00 -2.82
N GLY B 391 -2.96 33.95 -1.61
CA GLY B 391 -3.57 33.27 -0.46
C GLY B 391 -3.95 31.81 -0.68
N GLY B 392 -3.07 31.02 -1.30
CA GLY B 392 -3.38 29.60 -1.51
C GLY B 392 -4.15 29.36 -2.77
N ARG B 393 -4.86 30.38 -3.22
CA ARG B 393 -5.58 30.33 -4.49
C ARG B 393 -4.62 30.57 -5.65
N THR B 394 -4.87 29.87 -6.75
CA THR B 394 -4.00 29.92 -7.93
C THR B 394 -4.64 31.01 -8.77
N VAL B 395 -3.87 32.04 -9.10
CA VAL B 395 -4.36 33.17 -9.87
C VAL B 395 -3.76 33.17 -11.26
N GLY B 396 -2.75 32.36 -11.48
CA GLY B 396 -2.20 32.20 -12.83
C GLY B 396 -1.32 30.96 -12.92
N ALA B 397 -0.89 30.63 -14.12
CA ALA B 397 -0.07 29.48 -14.30
C ALA B 397 0.96 29.92 -15.26
N GLY B 398 2.22 29.55 -15.08
CA GLY B 398 3.26 29.90 -16.06
C GLY B 398 4.30 28.78 -16.42
N VAL B 399 5.28 29.10 -17.27
CA VAL B 399 6.41 28.26 -17.54
C VAL B 399 7.67 29.13 -17.57
N VAL B 400 8.71 28.69 -16.89
CA VAL B 400 9.93 29.44 -16.89
C VAL B 400 10.54 29.39 -18.28
N THR B 401 10.84 30.54 -18.87
CA THR B 401 11.42 30.61 -20.23
C THR B 401 12.86 31.03 -20.30
N LYS B 402 13.37 31.71 -19.31
CA LYS B 402 14.76 31.97 -19.50
C LYS B 402 15.24 32.37 -18.18
N ILE B 403 16.52 32.13 -17.98
CA ILE B 403 17.18 32.40 -16.73
C ILE B 403 18.04 33.57 -16.93
N LEU B 404 17.96 34.46 -15.99
CA LEU B 404 18.67 35.69 -16.06
C LEU B 404 19.79 35.71 -15.03
N GLU B 405 19.66 34.81 -14.04
CA GLU B 405 20.62 34.69 -12.94
C GLU B 405 20.09 33.98 -11.68
N LYS C 9 9.36 2.61 7.73
CA LYS C 9 9.74 1.55 8.72
C LYS C 9 9.61 2.21 10.07
N PRO C 10 8.45 2.03 10.73
CA PRO C 10 8.19 2.78 11.95
C PRO C 10 9.30 2.72 12.98
N HIS C 11 9.36 3.80 13.74
CA HIS C 11 10.39 4.02 14.71
C HIS C 11 9.87 3.99 16.11
N VAL C 12 10.59 3.21 16.90
CA VAL C 12 10.23 3.00 18.26
C VAL C 12 11.37 3.21 19.19
N ASN C 13 10.99 3.76 20.34
CA ASN C 13 11.94 3.99 21.41
C ASN C 13 11.92 2.95 22.53
N VAL C 14 13.03 2.24 22.73
CA VAL C 14 13.09 1.30 23.83
C VAL C 14 14.33 1.50 24.68
N GLY C 15 14.51 0.63 25.64
CA GLY C 15 15.71 0.71 26.51
C GLY C 15 15.68 -0.45 27.52
N THR C 16 16.86 -0.77 28.04
CA THR C 16 16.99 -1.84 29.02
C THR C 16 16.86 -1.21 30.41
N ILE C 17 16.03 -1.79 31.28
CA ILE C 17 15.99 -1.35 32.67
C ILE C 17 16.28 -2.60 33.47
N GLY C 18 16.41 -2.51 34.80
CA GLY C 18 16.68 -3.71 35.60
C GLY C 18 17.82 -3.39 36.56
N HIS C 19 18.03 -4.28 37.49
CA HIS C 19 19.03 -4.10 38.52
C HIS C 19 20.46 -4.00 38.02
N VAL C 20 21.32 -3.48 38.87
CA VAL C 20 22.69 -3.34 38.47
C VAL C 20 23.24 -4.66 38.23
N ASP C 21 24.07 -4.75 37.21
CA ASP C 21 24.87 -5.92 36.99
C ASP C 21 24.15 -7.14 36.42
N HIS C 22 22.85 -7.00 36.23
CA HIS C 22 22.08 -8.05 35.64
C HIS C 22 22.40 -8.21 34.18
N GLY C 23 23.06 -7.20 33.59
CA GLY C 23 23.55 -7.31 32.22
C GLY C 23 22.79 -6.49 31.15
N LYS C 24 22.17 -5.39 31.51
CA LYS C 24 21.44 -4.62 30.53
C LYS C 24 22.36 -4.12 29.46
N THR C 25 23.62 -4.02 29.80
CA THR C 25 24.57 -3.44 28.87
C THR C 25 25.08 -4.37 27.85
N THR C 26 25.48 -5.54 28.33
CA THR C 26 25.90 -6.62 27.47
C THR C 26 24.72 -6.97 26.55
N LEU C 27 23.51 -7.11 27.08
CA LEU C 27 22.36 -7.44 26.22
C LEU C 27 22.18 -6.35 25.21
N THR C 28 22.61 -5.18 25.55
CA THR C 28 22.44 -4.14 24.58
C THR C 28 23.31 -4.33 23.35
N ALA C 29 24.54 -4.71 23.59
CA ALA C 29 25.48 -4.81 22.52
C ALA C 29 25.12 -5.95 21.68
N ALA C 30 24.39 -6.87 22.26
CA ALA C 30 24.16 -8.10 21.53
C ALA C 30 23.12 -7.83 20.54
N LEU C 31 22.16 -7.08 20.99
CA LEU C 31 21.10 -6.69 20.12
C LEU C 31 21.68 -6.07 18.82
N THR C 32 22.65 -5.17 18.94
CA THR C 32 23.21 -4.57 17.74
C THR C 32 23.85 -5.63 16.86
N TYR C 33 24.76 -6.38 17.42
CA TYR C 33 25.43 -7.36 16.63
C TYR C 33 24.54 -8.37 16.05
N VAL C 34 23.46 -8.71 16.71
CA VAL C 34 22.71 -9.79 16.17
C VAL C 34 21.83 -9.27 15.05
N ALA C 35 21.22 -8.13 15.25
CA ALA C 35 20.24 -7.74 14.26
C ALA C 35 20.93 -7.23 13.05
N ALA C 36 22.19 -6.92 13.24
CA ALA C 36 22.94 -6.35 12.17
C ALA C 36 22.95 -7.34 11.02
N ALA C 37 23.21 -8.60 11.39
CA ALA C 37 23.33 -9.70 10.44
C ALA C 37 22.26 -9.66 9.36
N GLU C 38 21.00 -9.56 9.76
CA GLU C 38 19.97 -9.46 8.78
C GLU C 38 19.77 -8.01 8.38
N ASN C 39 20.51 -7.05 8.97
CA ASN C 39 20.32 -5.63 8.61
C ASN C 39 21.54 -4.75 8.42
N PRO C 40 22.58 -5.30 7.81
CA PRO C 40 23.82 -4.60 7.41
C PRO C 40 24.00 -3.10 7.68
N ASN C 41 22.90 -2.34 7.59
CA ASN C 41 22.94 -0.91 7.84
C ASN C 41 23.41 -0.81 9.26
N VAL C 42 22.49 -1.19 10.16
CA VAL C 42 22.63 -1.34 11.63
C VAL C 42 24.10 -1.24 12.10
N GLU C 43 24.41 -0.25 12.93
CA GLU C 43 25.82 -0.15 13.36
C GLU C 43 26.06 -0.87 14.65
N VAL C 44 26.88 -1.91 14.55
CA VAL C 44 27.22 -2.72 15.67
C VAL C 44 28.02 -1.98 16.78
N LYS C 45 27.65 -2.17 18.04
CA LYS C 45 28.39 -1.47 19.11
C LYS C 45 28.81 -2.50 20.11
N ASP C 46 29.94 -2.30 20.80
CA ASP C 46 30.26 -3.21 21.88
C ASP C 46 30.12 -2.67 23.29
N TYR C 47 30.29 -3.60 24.23
CA TYR C 47 30.19 -3.38 25.67
C TYR C 47 30.86 -2.08 26.17
N GLY C 48 32.19 -1.99 26.05
CA GLY C 48 32.94 -0.80 26.47
C GLY C 48 32.27 0.51 25.98
N ASP C 49 31.96 0.60 24.70
CA ASP C 49 31.34 1.82 24.19
C ASP C 49 30.09 2.09 24.92
N ILE C 50 29.18 1.14 24.89
CA ILE C 50 27.96 1.38 25.61
C ILE C 50 28.20 1.57 27.09
N ASP C 51 29.18 0.86 27.61
CA ASP C 51 29.40 0.94 29.02
C ASP C 51 29.81 2.28 29.49
N LYS C 52 30.27 3.13 28.53
CA LYS C 52 30.66 4.42 28.93
C LYS C 52 29.74 5.44 28.42
N ALA C 53 28.54 5.62 29.05
CA ALA C 53 27.58 6.62 28.60
C ALA C 53 28.06 8.08 28.83
N PRO C 54 27.61 8.99 27.96
CA PRO C 54 28.00 10.38 28.07
C PRO C 54 27.06 11.04 29.02
N GLU C 55 27.38 12.23 29.44
CA GLU C 55 26.43 12.92 30.19
C GLU C 55 25.42 13.54 29.20
N GLU C 56 24.27 13.93 29.73
CA GLU C 56 23.22 14.53 29.00
C GLU C 56 22.60 15.36 29.96
N ARG C 57 22.37 16.57 29.59
CA ARG C 57 21.75 17.61 30.43
C ARG C 57 20.29 17.69 29.98
N ALA C 58 19.41 17.48 30.97
CA ALA C 58 17.93 17.42 30.78
C ALA C 58 17.18 18.12 31.92
N ARG C 59 16.41 19.21 31.64
CA ARG C 59 15.62 19.83 32.74
C ARG C 59 16.49 20.43 33.90
N GLY C 60 17.78 20.54 33.63
CA GLY C 60 18.77 21.06 34.60
C GLY C 60 19.67 19.95 35.26
N ILE C 61 19.30 18.71 35.04
CA ILE C 61 19.94 17.50 35.55
C ILE C 61 20.87 16.84 34.52
N THR C 62 21.90 16.17 34.99
CA THR C 62 22.77 15.41 34.12
C THR C 62 22.51 13.86 34.26
N ILE C 63 22.39 13.18 33.13
CA ILE C 63 22.13 11.78 33.14
C ILE C 63 23.09 11.09 32.20
N ASN C 64 23.85 10.16 32.74
CA ASN C 64 24.66 9.35 31.92
C ASN C 64 23.73 8.45 31.17
N THR C 65 23.79 8.59 29.87
CA THR C 65 22.91 7.89 28.99
C THR C 65 23.60 7.40 27.77
N ALA C 66 23.27 6.18 27.42
CA ALA C 66 23.86 5.64 26.22
C ALA C 66 22.73 5.25 25.30
N HIS C 67 22.97 5.49 24.03
CA HIS C 67 22.02 5.16 22.96
C HIS C 67 22.54 4.22 21.88
N VAL C 68 21.61 3.51 21.27
CA VAL C 68 22.03 2.55 20.29
C VAL C 68 20.85 2.40 19.40
N GLU C 69 21.11 2.15 18.11
CA GLU C 69 20.05 1.95 17.13
C GLU C 69 20.17 0.59 16.52
N TYR C 70 19.06 -0.11 16.34
CA TYR C 70 19.06 -1.44 15.64
C TYR C 70 17.72 -1.52 14.86
N GLU C 71 17.68 -2.42 13.87
CA GLU C 71 16.53 -2.55 12.98
C GLU C 71 16.06 -3.99 12.90
N THR C 72 14.76 -4.18 12.88
CA THR C 72 14.24 -5.50 12.66
C THR C 72 13.60 -5.35 11.30
N ALA C 73 12.96 -6.41 10.87
CA ALA C 73 12.20 -6.36 9.64
C ALA C 73 11.16 -5.34 9.89
N LYS C 74 10.44 -5.50 10.98
CA LYS C 74 9.36 -4.60 11.30
C LYS C 74 9.77 -3.17 11.64
N ARG C 75 10.89 -2.94 12.34
CA ARG C 75 11.22 -1.55 12.68
C ARG C 75 12.61 -1.11 12.90
N HIS C 76 12.58 0.17 13.26
CA HIS C 76 13.74 0.93 13.67
C HIS C 76 13.51 1.29 15.10
N TYR C 77 14.40 0.74 15.92
CA TYR C 77 14.42 0.92 17.36
C TYR C 77 15.61 1.76 17.74
N SER C 78 15.37 2.85 18.47
CA SER C 78 16.49 3.61 19.07
C SER C 78 16.34 3.18 20.55
N HIS C 79 17.47 2.76 21.10
CA HIS C 79 17.48 2.09 22.39
C HIS C 79 18.40 2.71 23.41
N VAL C 80 17.83 3.00 24.58
CA VAL C 80 18.65 3.55 25.65
C VAL C 80 19.13 2.58 26.63
N ASP C 81 20.23 2.97 27.23
CA ASP C 81 20.80 2.22 28.31
C ASP C 81 21.65 3.16 29.17
N CYS C 82 21.34 3.23 30.47
CA CYS C 82 22.14 4.01 31.42
C CYS C 82 22.89 3.10 32.37
N PRO C 83 23.98 3.66 32.88
CA PRO C 83 24.96 3.00 33.75
C PRO C 83 24.55 2.80 35.18
N GLY C 84 23.88 3.80 35.79
CA GLY C 84 23.41 3.69 37.16
C GLY C 84 21.91 3.85 37.45
N HIS C 85 21.50 3.16 38.51
CA HIS C 85 20.15 3.24 39.01
C HIS C 85 19.69 4.73 39.12
N ALA C 86 20.60 5.61 39.53
CA ALA C 86 20.24 7.01 39.54
C ALA C 86 19.85 7.48 38.12
N ASP C 87 20.76 7.28 37.15
CA ASP C 87 20.50 7.61 35.74
C ASP C 87 19.14 7.11 35.37
N TYR C 88 18.77 5.88 35.74
CA TYR C 88 17.41 5.47 35.44
C TYR C 88 16.35 6.30 36.05
N ILE C 89 16.50 6.58 37.32
CA ILE C 89 15.47 7.39 38.02
C ILE C 89 15.27 8.71 37.28
N LYS C 90 16.37 9.47 37.15
CA LYS C 90 16.34 10.77 36.48
C LYS C 90 15.81 10.67 35.03
N ASN C 91 16.44 9.86 34.18
CA ASN C 91 15.99 9.64 32.80
C ASN C 91 14.51 9.46 32.71
N MET C 92 14.04 8.37 33.23
CA MET C 92 12.63 8.06 33.20
C MET C 92 11.70 9.16 33.57
N ILE C 93 12.13 9.97 34.51
CA ILE C 93 11.26 10.99 35.02
C ILE C 93 11.31 12.27 34.27
N THR C 94 12.50 12.70 33.90
CA THR C 94 12.55 13.95 33.17
C THR C 94 12.14 13.52 31.81
N GLY C 95 12.11 12.23 31.59
CA GLY C 95 11.74 11.74 30.29
C GLY C 95 12.75 12.24 29.26
N ALA C 96 14.03 12.08 29.55
CA ALA C 96 15.05 12.48 28.60
C ALA C 96 14.74 11.86 27.25
N ALA C 97 14.64 10.51 27.32
CA ALA C 97 14.28 9.62 26.21
C ALA C 97 13.03 8.84 26.67
N GLN C 98 11.93 8.92 25.91
CA GLN C 98 10.68 8.23 26.31
C GLN C 98 10.47 6.84 25.77
N MET C 99 10.46 5.90 26.68
CA MET C 99 10.27 4.56 26.29
C MET C 99 8.88 4.33 25.74
N ASP C 100 8.83 3.56 24.70
CA ASP C 100 7.55 3.22 24.11
C ASP C 100 7.28 1.81 24.68
N GLY C 101 8.37 1.17 25.10
CA GLY C 101 8.36 -0.13 25.68
C GLY C 101 9.77 -0.28 26.24
N ALA C 102 9.92 -1.25 27.10
CA ALA C 102 11.21 -1.42 27.71
C ALA C 102 11.44 -2.87 27.89
N ILE C 103 12.72 -3.20 27.85
CA ILE C 103 13.17 -4.55 27.99
C ILE C 103 13.76 -4.64 29.38
N LEU C 104 13.09 -5.46 30.20
CA LEU C 104 13.49 -5.68 31.57
C LEU C 104 14.41 -6.83 31.74
N VAL C 105 15.65 -6.57 32.09
CA VAL C 105 16.63 -7.63 32.35
C VAL C 105 16.78 -8.03 33.82
N VAL C 106 16.77 -9.33 34.08
CA VAL C 106 16.93 -9.93 35.39
C VAL C 106 17.91 -11.11 35.46
N SER C 107 18.79 -11.14 36.47
CA SER C 107 19.77 -12.22 36.61
C SER C 107 19.04 -13.48 37.02
N ALA C 108 19.32 -14.49 36.23
CA ALA C 108 18.76 -15.81 36.46
C ALA C 108 19.35 -16.40 37.73
N ALA C 109 20.54 -15.88 38.07
CA ALA C 109 21.21 -16.31 39.30
C ALA C 109 20.51 -15.72 40.51
N ASP C 110 20.13 -14.44 40.42
CA ASP C 110 19.60 -13.76 41.56
C ASP C 110 18.16 -13.51 41.68
N GLY C 111 17.44 -13.63 40.60
CA GLY C 111 16.04 -13.34 40.66
C GLY C 111 16.00 -11.82 40.63
N PRO C 112 14.80 -11.28 40.58
CA PRO C 112 14.63 -9.87 40.70
C PRO C 112 15.21 -9.32 41.99
N MET C 113 15.62 -8.07 41.89
CA MET C 113 16.19 -7.36 43.01
C MET C 113 15.55 -5.99 43.22
N PRO C 114 16.06 -5.25 44.17
CA PRO C 114 15.43 -4.02 44.55
C PRO C 114 15.30 -3.06 43.46
N GLN C 115 16.38 -2.82 42.72
CA GLN C 115 16.22 -1.88 41.60
C GLN C 115 15.24 -2.43 40.60
N THR C 116 15.26 -3.74 40.47
CA THR C 116 14.34 -4.42 39.57
C THR C 116 12.95 -3.99 39.86
N ARG C 117 12.61 -4.11 41.12
CA ARG C 117 11.29 -3.75 41.56
C ARG C 117 11.10 -2.25 41.42
N GLU C 118 12.16 -1.48 41.62
CA GLU C 118 11.97 -0.04 41.47
C GLU C 118 11.66 0.38 40.02
N HIS C 119 12.47 -0.10 39.04
CA HIS C 119 12.26 0.22 37.62
C HIS C 119 10.89 -0.16 37.18
N ILE C 120 10.35 -1.25 37.74
CA ILE C 120 8.98 -1.62 37.38
C ILE C 120 8.04 -0.55 37.81
N LEU C 121 8.14 -0.20 39.08
CA LEU C 121 7.26 0.86 39.58
C LEU C 121 7.32 2.15 38.78
N LEU C 122 8.53 2.66 38.51
CA LEU C 122 8.69 3.87 37.77
C LEU C 122 8.04 3.71 36.44
N ALA C 123 8.51 2.69 35.71
CA ALA C 123 8.02 2.37 34.39
C ALA C 123 6.53 2.46 34.41
N ARG C 124 5.91 1.88 35.40
CA ARG C 124 4.47 2.11 35.50
C ARG C 124 4.14 3.58 35.82
N GLN C 125 4.79 4.26 36.77
CA GLN C 125 4.35 5.65 37.03
C GLN C 125 4.52 6.56 35.83
N VAL C 126 5.69 6.42 35.21
CA VAL C 126 6.10 7.22 34.08
C VAL C 126 5.39 6.76 32.77
N GLY C 127 4.62 5.68 32.87
CA GLY C 127 3.77 5.27 31.77
C GLY C 127 4.19 4.25 30.73
N VAL C 128 5.34 3.58 30.89
CA VAL C 128 5.76 2.57 29.93
C VAL C 128 4.63 1.61 29.62
N PRO C 129 4.44 1.47 28.34
CA PRO C 129 3.29 0.77 27.80
C PRO C 129 3.54 -0.69 27.78
N TYR C 130 4.78 -1.10 27.75
CA TYR C 130 4.92 -2.51 27.80
C TYR C 130 6.26 -2.87 28.23
N ILE C 131 6.32 -3.94 28.99
CA ILE C 131 7.58 -4.52 29.43
C ILE C 131 7.64 -5.99 28.98
N VAL C 132 8.84 -6.35 28.59
CA VAL C 132 9.17 -7.61 28.03
C VAL C 132 10.40 -7.96 28.80
N VAL C 133 10.46 -9.22 29.21
CA VAL C 133 11.55 -9.60 30.03
C VAL C 133 12.58 -10.37 29.36
N PHE C 134 13.83 -10.09 29.69
CA PHE C 134 14.89 -10.94 29.25
C PHE C 134 15.66 -11.45 30.46
N MET C 135 15.47 -12.69 30.80
CA MET C 135 16.21 -13.33 31.89
C MET C 135 17.56 -13.72 31.40
N ASN C 136 18.58 -13.07 31.94
CA ASN C 136 19.94 -13.28 31.48
C ASN C 136 20.79 -14.14 32.39
N LYS C 137 21.99 -14.50 31.92
CA LYS C 137 22.91 -15.28 32.73
C LYS C 137 22.50 -16.74 32.95
N VAL C 138 21.45 -17.12 32.26
CA VAL C 138 20.90 -18.45 32.28
C VAL C 138 22.00 -19.53 32.12
N ASP C 139 23.12 -19.18 31.56
CA ASP C 139 24.15 -20.18 31.53
C ASP C 139 24.68 -20.54 32.92
N MET C 140 24.26 -19.88 33.99
CA MET C 140 24.86 -20.22 35.29
C MET C 140 24.00 -21.19 36.01
N VAL C 141 22.86 -21.49 35.41
CA VAL C 141 21.78 -22.30 36.02
C VAL C 141 21.12 -23.38 35.11
N ASP C 142 21.29 -24.63 35.51
CA ASP C 142 20.70 -25.73 34.81
C ASP C 142 19.33 -26.00 35.28
N ASP C 143 19.20 -26.05 36.60
CA ASP C 143 17.96 -26.44 37.22
C ASP C 143 16.77 -25.62 36.84
N PRO C 144 15.97 -26.20 35.99
CA PRO C 144 14.79 -25.55 35.50
C PRO C 144 13.86 -25.22 36.64
N GLU C 145 14.03 -25.82 37.79
CA GLU C 145 13.06 -25.44 38.83
C GLU C 145 13.40 -24.00 39.21
N LEU C 146 14.70 -23.73 39.19
CA LEU C 146 15.20 -22.40 39.47
C LEU C 146 14.84 -21.35 38.42
N LEU C 147 15.04 -21.69 37.16
CA LEU C 147 14.67 -20.76 36.12
C LEU C 147 13.20 -20.41 36.23
N ASP C 148 12.39 -21.37 36.65
CA ASP C 148 10.96 -21.15 36.73
C ASP C 148 10.70 -20.26 37.86
N LEU C 149 11.44 -20.53 38.92
CA LEU C 149 11.26 -19.77 40.12
C LEU C 149 11.46 -18.28 39.79
N VAL C 150 12.62 -17.96 39.24
CA VAL C 150 12.89 -16.58 38.91
C VAL C 150 11.80 -15.95 38.02
N GLU C 151 11.36 -16.72 37.05
CA GLU C 151 10.44 -16.17 36.08
C GLU C 151 9.21 -15.77 36.78
N MET C 152 8.84 -16.68 37.65
CA MET C 152 7.68 -16.41 38.46
C MET C 152 7.84 -15.19 39.41
N GLU C 153 9.03 -15.02 39.99
CA GLU C 153 9.28 -13.88 40.89
C GLU C 153 9.01 -12.67 40.08
N VAL C 154 9.59 -12.71 38.91
CA VAL C 154 9.43 -11.61 38.07
C VAL C 154 7.97 -11.32 37.72
N ARG C 155 7.27 -12.30 37.18
CA ARG C 155 5.85 -12.01 36.88
C ARG C 155 5.02 -11.48 38.03
N ASP C 156 5.21 -12.03 39.21
CA ASP C 156 4.42 -11.51 40.30
C ASP C 156 4.79 -10.06 40.53
N LEU C 157 6.05 -9.70 40.32
CA LEU C 157 6.35 -8.30 40.53
C LEU C 157 5.56 -7.50 39.52
N LEU C 158 5.55 -7.92 38.25
CA LEU C 158 4.87 -7.13 37.23
C LEU C 158 3.42 -6.97 37.51
N ASN C 159 2.89 -8.04 38.05
CA ASN C 159 1.50 -8.04 38.36
C ASN C 159 1.26 -7.12 39.50
N GLN C 160 2.26 -6.94 40.34
CA GLN C 160 2.05 -6.09 41.50
C GLN C 160 1.90 -4.62 41.07
N TYR C 161 2.49 -4.27 39.94
CA TYR C 161 2.46 -2.90 39.48
C TYR C 161 1.63 -2.82 38.27
N GLU C 162 0.74 -3.75 38.17
CA GLU C 162 -0.20 -3.68 37.09
C GLU C 162 0.20 -4.05 35.73
N PHE C 163 1.47 -4.38 35.52
CA PHE C 163 1.76 -4.94 34.23
C PHE C 163 1.04 -6.28 34.09
N PRO C 164 0.78 -6.76 32.89
CA PRO C 164 0.12 -8.03 32.72
C PRO C 164 1.25 -9.04 32.81
N GLY C 165 1.64 -9.35 34.05
CA GLY C 165 2.78 -10.21 34.33
C GLY C 165 2.49 -11.58 33.80
N ASP C 166 1.23 -11.91 33.83
CA ASP C 166 0.80 -13.21 33.39
C ASP C 166 1.08 -13.44 31.91
N GLU C 167 1.08 -12.36 31.15
CA GLU C 167 1.30 -12.45 29.73
C GLU C 167 2.67 -12.11 29.15
N VAL C 168 3.42 -11.20 29.76
CA VAL C 168 4.62 -10.75 29.07
C VAL C 168 5.53 -11.92 28.74
N PRO C 169 6.48 -11.65 27.88
CA PRO C 169 7.37 -12.66 27.42
C PRO C 169 8.56 -12.61 28.28
N VAL C 170 8.91 -13.76 28.82
CA VAL C 170 10.12 -13.87 29.63
C VAL C 170 11.00 -14.79 28.85
N ILE C 171 12.00 -14.24 28.18
CA ILE C 171 12.89 -14.99 27.29
C ILE C 171 14.14 -15.31 28.03
N ARG C 172 14.54 -16.57 28.06
CA ARG C 172 15.70 -16.93 28.86
C ARG C 172 16.94 -17.04 28.05
N GLY C 173 18.03 -16.36 28.44
CA GLY C 173 19.24 -16.53 27.67
C GLY C 173 20.53 -15.97 28.26
N SER C 174 21.56 -15.95 27.41
CA SER C 174 22.85 -15.43 27.74
C SER C 174 23.27 -14.35 26.80
N ALA C 175 23.20 -13.10 27.21
CA ALA C 175 23.62 -12.04 26.32
C ALA C 175 25.09 -12.20 26.10
N LEU C 176 25.80 -12.63 27.12
CA LEU C 176 27.27 -12.71 26.97
C LEU C 176 27.63 -13.65 25.79
N LEU C 177 27.12 -14.87 25.85
CA LEU C 177 27.35 -15.82 24.80
C LEU C 177 26.90 -15.41 23.39
N ALA C 178 25.71 -14.85 23.29
CA ALA C 178 25.22 -14.48 22.01
C ALA C 178 26.21 -13.50 21.45
N LEU C 179 26.59 -12.57 22.27
CA LEU C 179 27.49 -11.54 21.81
C LEU C 179 28.79 -12.10 21.33
N GLU C 180 29.29 -13.14 21.96
CA GLU C 180 30.55 -13.59 21.42
C GLU C 180 30.36 -14.27 20.08
N GLU C 181 29.23 -14.92 19.88
CA GLU C 181 29.07 -15.54 18.63
C GLU C 181 29.01 -14.50 17.58
N MET C 182 28.28 -13.44 17.84
CA MET C 182 28.24 -12.39 16.83
C MET C 182 29.63 -11.90 16.63
N HIS C 183 30.44 -12.16 17.63
CA HIS C 183 31.79 -11.71 17.50
C HIS C 183 32.60 -12.57 16.60
N LYS C 184 32.46 -13.86 16.87
CA LYS C 184 33.17 -14.93 16.17
C LYS C 184 32.73 -14.95 14.74
N ASN C 185 31.42 -14.75 14.52
CA ASN C 185 30.74 -14.93 13.25
C ASN C 185 29.69 -13.87 12.99
N PRO C 186 30.15 -12.68 12.65
CA PRO C 186 29.31 -11.52 12.41
C PRO C 186 28.20 -11.87 11.49
N LYS C 187 28.44 -12.90 10.70
CA LYS C 187 27.48 -13.19 9.67
C LYS C 187 26.54 -14.27 10.06
N THR C 188 26.68 -14.76 11.28
CA THR C 188 25.77 -15.77 11.76
C THR C 188 24.37 -15.23 11.63
N LYS C 189 23.46 -16.10 11.28
CA LYS C 189 22.09 -15.65 11.11
C LYS C 189 21.24 -16.63 11.85
N ARG C 190 19.92 -16.42 11.77
CA ARG C 190 18.95 -17.19 12.53
C ARG C 190 19.24 -18.65 12.49
N GLY C 191 18.59 -19.45 13.31
CA GLY C 191 18.78 -20.91 13.21
C GLY C 191 20.21 -21.40 13.28
N GLU C 192 21.18 -20.63 12.81
CA GLU C 192 22.57 -21.06 12.95
C GLU C 192 22.93 -21.28 14.43
N ASN C 193 22.79 -20.28 15.33
CA ASN C 193 23.18 -20.52 16.72
C ASN C 193 22.15 -20.30 17.74
N GLU C 194 22.25 -21.12 18.79
CA GLU C 194 21.32 -21.13 19.88
C GLU C 194 21.24 -19.88 20.71
N TRP C 195 22.39 -19.37 21.10
CA TRP C 195 22.46 -18.17 21.93
C TRP C 195 21.97 -16.97 21.17
N VAL C 196 22.42 -16.90 19.93
CA VAL C 196 21.90 -15.86 19.06
C VAL C 196 20.40 -15.94 18.85
N ASP C 197 19.92 -17.16 18.78
CA ASP C 197 18.52 -17.30 18.52
C ASP C 197 17.60 -16.78 19.66
N LYS C 198 18.08 -16.78 20.90
CA LYS C 198 17.28 -16.21 22.00
C LYS C 198 17.14 -14.69 21.80
N ILE C 199 18.23 -14.09 21.32
CA ILE C 199 18.15 -12.70 20.94
C ILE C 199 17.05 -12.55 19.87
N TRP C 200 17.00 -13.45 18.90
CA TRP C 200 15.97 -13.30 17.88
C TRP C 200 14.63 -13.43 18.56
N GLU C 201 14.54 -14.22 19.62
CA GLU C 201 13.22 -14.27 20.28
C GLU C 201 12.88 -12.99 20.97
N LEU C 202 13.90 -12.38 21.55
CA LEU C 202 13.68 -11.09 22.18
C LEU C 202 13.21 -10.10 21.13
N LEU C 203 14.01 -9.96 20.08
CA LEU C 203 13.71 -9.02 19.04
C LEU C 203 12.33 -9.28 18.52
N ASP C 204 11.98 -10.54 18.32
CA ASP C 204 10.62 -10.81 17.84
C ASP C 204 9.61 -10.32 18.85
N ALA C 205 9.93 -10.61 20.09
CA ALA C 205 9.04 -10.29 21.21
C ALA C 205 8.72 -8.85 21.19
N ILE C 206 9.76 -8.08 21.00
CA ILE C 206 9.67 -6.65 20.97
C ILE C 206 8.69 -6.22 19.89
N ASP C 207 9.04 -6.61 18.65
CA ASP C 207 8.26 -6.22 17.46
C ASP C 207 6.82 -6.61 17.76
N GLU C 208 6.64 -7.78 18.34
CA GLU C 208 5.27 -8.18 18.62
C GLU C 208 4.52 -7.55 19.75
N TYR C 209 5.12 -7.56 20.95
CA TYR C 209 4.44 -7.06 22.14
C TYR C 209 4.42 -5.57 22.42
N ILE C 210 5.45 -4.87 21.96
CA ILE C 210 5.51 -3.46 22.16
C ILE C 210 4.75 -2.78 21.08
N PRO C 211 3.64 -2.21 21.47
CA PRO C 211 2.75 -1.54 20.54
C PRO C 211 3.44 -0.48 19.77
N THR C 212 3.00 -0.35 18.55
CA THR C 212 3.52 0.68 17.66
C THR C 212 2.60 1.79 18.09
N PRO C 213 3.23 2.87 18.37
CA PRO C 213 2.66 4.06 18.97
C PRO C 213 1.98 4.97 18.01
N VAL C 214 1.18 5.85 18.58
CA VAL C 214 0.55 6.87 17.77
C VAL C 214 1.51 7.98 17.39
N ARG C 215 1.45 8.33 16.12
CA ARG C 215 2.33 9.35 15.60
C ARG C 215 1.73 10.58 16.16
N ASP C 216 2.57 11.49 16.63
CA ASP C 216 2.06 12.71 17.31
C ASP C 216 0.91 13.38 16.56
N VAL C 217 1.20 13.70 15.31
CA VAL C 217 0.25 14.23 14.34
C VAL C 217 -1.09 13.54 14.29
N ASP C 218 -1.16 12.31 14.77
CA ASP C 218 -2.46 11.61 14.77
C ASP C 218 -3.13 11.69 16.16
N LYS C 219 -2.41 12.17 17.19
CA LYS C 219 -2.94 12.30 18.56
C LYS C 219 -3.82 13.49 18.58
N PRO C 220 -4.78 13.55 19.49
CA PRO C 220 -5.68 14.69 19.58
C PRO C 220 -5.02 16.02 19.70
N PHE C 221 -5.62 16.99 19.01
CA PHE C 221 -5.07 18.31 18.94
C PHE C 221 -4.94 19.03 20.24
N LEU C 222 -3.73 19.56 20.39
CA LEU C 222 -3.39 20.35 21.51
C LEU C 222 -2.24 21.28 21.22
N MET C 223 -2.45 22.52 21.62
CA MET C 223 -1.44 23.56 21.54
C MET C 223 -1.59 24.48 22.70
N PRO C 224 -0.46 24.62 23.33
CA PRO C 224 -0.29 25.30 24.55
C PRO C 224 0.06 26.71 24.19
N VAL C 225 -0.74 27.63 24.73
CA VAL C 225 -0.54 29.04 24.56
C VAL C 225 0.74 29.62 25.17
N GLU C 226 1.45 30.34 24.35
CA GLU C 226 2.68 30.98 24.75
C GLU C 226 2.42 32.48 24.82
N ASP C 227 1.95 33.09 23.71
CA ASP C 227 1.63 34.53 23.70
C ASP C 227 0.26 34.83 23.15
N VAL C 228 -0.31 35.92 23.61
CA VAL C 228 -1.62 36.28 23.08
C VAL C 228 -1.54 37.68 22.56
N PHE C 229 -2.13 37.92 21.39
CA PHE C 229 -2.00 39.19 20.69
C PHE C 229 -3.28 39.55 20.03
N THR C 230 -3.44 40.84 19.72
CA THR C 230 -4.60 41.28 18.92
C THR C 230 -4.20 41.91 17.58
N ILE C 231 -4.85 41.46 16.53
CA ILE C 231 -4.59 41.99 15.21
C ILE C 231 -5.76 42.86 14.92
N THR C 232 -5.59 44.15 15.23
CA THR C 232 -6.59 45.24 15.14
C THR C 232 -7.87 44.91 14.40
N GLY C 233 -7.77 44.78 13.07
CA GLY C 233 -8.95 44.45 12.28
C GLY C 233 -9.30 42.97 12.28
N ARG C 234 -8.26 42.17 12.56
CA ARG C 234 -8.39 40.70 12.69
C ARG C 234 -8.83 40.08 14.06
N GLY C 235 -8.30 40.54 15.22
CA GLY C 235 -8.77 40.07 16.54
C GLY C 235 -7.72 39.44 17.45
N THR C 236 -8.13 38.44 18.24
CA THR C 236 -7.21 37.79 19.18
C THR C 236 -6.38 36.62 18.66
N VAL C 237 -5.11 36.62 18.98
CA VAL C 237 -4.26 35.54 18.56
C VAL C 237 -3.44 34.80 19.63
N ALA C 238 -3.67 33.49 19.70
CA ALA C 238 -2.92 32.63 20.61
C ALA C 238 -1.73 32.09 19.82
N THR C 239 -0.51 32.28 20.29
CA THR C 239 0.62 31.70 19.58
C THR C 239 1.37 30.55 20.35
N GLY C 240 2.10 29.69 19.63
CA GLY C 240 2.85 28.60 20.25
C GLY C 240 3.04 27.42 19.32
N ARG C 241 3.96 26.53 19.66
CA ARG C 241 4.23 25.35 18.86
C ARG C 241 3.16 24.34 19.21
N ILE C 242 2.65 23.66 18.20
CA ILE C 242 1.64 22.63 18.38
C ILE C 242 2.28 21.36 18.90
N GLU C 243 1.65 20.78 19.91
CA GLU C 243 2.23 19.62 20.52
C GLU C 243 1.73 18.42 19.78
N ARG C 244 0.47 18.47 19.41
CA ARG C 244 0.03 17.31 18.72
C ARG C 244 -1.16 17.49 17.84
N GLY C 245 -1.19 16.67 16.82
CA GLY C 245 -2.30 16.64 15.89
C GLY C 245 -2.15 17.77 14.92
N LYS C 246 -3.31 18.29 14.51
CA LYS C 246 -3.34 19.40 13.62
C LYS C 246 -4.57 20.23 13.68
N VAL C 247 -4.39 21.47 13.22
CA VAL C 247 -5.49 22.42 13.07
C VAL C 247 -5.55 23.04 11.67
N LYS C 248 -6.79 23.15 11.23
CA LYS C 248 -7.04 23.82 9.98
C LYS C 248 -8.16 24.75 10.37
N VAL C 249 -8.24 25.84 9.64
CA VAL C 249 -9.25 26.81 9.95
C VAL C 249 -10.64 26.22 10.00
N GLY C 250 -11.52 26.89 10.72
CA GLY C 250 -12.91 26.42 10.84
C GLY C 250 -12.99 25.40 11.93
N ASP C 251 -11.81 24.91 12.32
CA ASP C 251 -11.70 23.94 13.41
C ASP C 251 -12.12 24.63 14.75
N GLU C 252 -13.03 24.01 15.50
CA GLU C 252 -13.36 24.49 16.82
C GLU C 252 -12.51 23.79 17.94
N VAL C 253 -12.04 24.57 18.91
CA VAL C 253 -11.22 24.02 19.96
C VAL C 253 -11.59 24.58 21.30
N GLU C 254 -11.04 23.98 22.35
CA GLU C 254 -11.25 24.43 23.73
C GLU C 254 -9.97 25.07 24.30
N ILE C 255 -10.24 26.14 25.06
CA ILE C 255 -9.19 26.84 25.71
C ILE C 255 -9.34 26.30 27.08
N VAL C 256 -8.34 25.50 27.44
CA VAL C 256 -8.27 24.85 28.74
C VAL C 256 -7.19 25.32 29.72
N GLY C 257 -7.67 25.50 30.97
CA GLY C 257 -6.86 25.88 32.14
C GLY C 257 -6.96 27.29 32.72
N LEU C 258 -6.44 27.47 33.94
CA LEU C 258 -6.32 28.81 34.52
C LEU C 258 -7.57 29.56 34.73
N ALA C 259 -8.37 29.60 33.69
CA ALA C 259 -9.63 30.26 33.82
C ALA C 259 -10.53 29.36 34.68
N PRO C 260 -11.55 29.98 35.19
CA PRO C 260 -12.56 29.32 35.98
C PRO C 260 -13.40 28.36 35.17
N GLU C 261 -13.36 28.47 33.85
CA GLU C 261 -14.19 27.56 33.05
C GLU C 261 -13.64 27.41 31.67
N THR C 262 -14.00 26.31 31.01
CA THR C 262 -13.44 26.09 29.66
C THR C 262 -14.19 26.76 28.56
N ARG C 263 -13.47 27.43 27.67
CA ARG C 263 -14.14 28.08 26.59
C ARG C 263 -13.84 27.41 25.30
N LYS C 264 -14.82 27.51 24.41
CA LYS C 264 -14.77 27.01 23.05
C LYS C 264 -14.72 28.18 22.06
N THR C 265 -14.01 28.01 20.92
CA THR C 265 -13.92 28.97 19.81
C THR C 265 -13.61 28.27 18.49
N VAL C 266 -13.30 29.08 17.48
CA VAL C 266 -12.94 28.50 16.22
C VAL C 266 -11.70 29.12 15.69
N VAL C 267 -10.75 28.30 15.27
CA VAL C 267 -9.61 28.90 14.64
C VAL C 267 -10.18 29.51 13.39
N THR C 268 -9.92 30.77 13.19
CA THR C 268 -10.43 31.39 12.02
C THR C 268 -9.18 31.75 11.31
N GLY C 269 -8.06 31.25 11.82
CA GLY C 269 -6.82 31.59 11.17
C GLY C 269 -5.56 31.08 11.78
N VAL C 270 -4.81 30.39 10.93
CA VAL C 270 -3.48 29.89 11.22
C VAL C 270 -2.48 30.89 10.64
N GLU C 271 -1.19 30.61 10.66
CA GLU C 271 -0.22 31.57 10.15
C GLU C 271 1.11 31.17 10.67
N MET C 272 2.12 31.38 9.86
CA MET C 272 3.46 31.02 10.28
C MET C 272 4.42 31.65 9.36
N HIS C 273 5.62 31.93 9.91
CA HIS C 273 6.68 32.54 9.13
C HIS C 273 6.09 33.76 8.39
N ARG C 274 5.13 34.44 9.03
CA ARG C 274 4.47 35.63 8.47
C ARG C 274 3.36 35.26 7.50
N LYS C 275 3.74 34.43 6.55
CA LYS C 275 2.81 34.03 5.56
C LYS C 275 1.70 33.32 6.26
N THR C 276 0.63 33.12 5.53
CA THR C 276 -0.53 32.42 6.00
C THR C 276 -0.16 30.93 6.05
N LEU C 277 -1.18 30.05 6.05
CA LEU C 277 -1.04 28.56 6.20
C LEU C 277 -2.41 27.88 6.29
N GLN C 278 -2.64 26.80 5.54
CA GLN C 278 -3.95 26.08 5.52
C GLN C 278 -4.24 25.13 6.73
N GLU C 279 -3.18 24.49 7.22
CA GLU C 279 -3.24 23.58 8.38
C GLU C 279 -2.04 23.73 9.25
N GLY C 280 -2.35 23.65 10.55
CA GLY C 280 -1.35 23.70 11.57
C GLY C 280 -1.15 22.27 11.99
N ILE C 281 0.11 21.83 11.95
CA ILE C 281 0.40 20.47 12.32
C ILE C 281 1.42 20.36 13.44
N ALA C 282 1.30 19.26 14.17
CA ALA C 282 2.18 18.96 15.27
C ALA C 282 3.61 19.31 14.89
N GLY C 283 4.27 20.05 15.75
CA GLY C 283 5.63 20.41 15.48
C GLY C 283 5.70 21.86 15.10
N ASP C 284 4.59 22.31 14.50
CA ASP C 284 4.43 23.68 14.00
C ASP C 284 4.21 24.82 15.03
N ASN C 285 5.04 25.86 14.92
CA ASN C 285 4.88 27.00 15.80
C ASN C 285 4.00 28.02 15.07
N VAL C 286 2.69 27.97 15.30
CA VAL C 286 1.81 28.88 14.60
C VAL C 286 1.36 30.05 15.49
N GLY C 287 0.28 30.69 15.07
CA GLY C 287 -0.40 31.75 15.78
C GLY C 287 -1.84 31.56 15.26
N LEU C 288 -2.79 31.44 16.14
CA LEU C 288 -4.13 31.16 15.71
C LEU C 288 -5.06 32.26 16.08
N LEU C 289 -6.03 32.40 15.20
CA LEU C 289 -6.97 33.44 15.32
C LEU C 289 -8.11 32.86 15.96
N LEU C 290 -8.31 33.27 17.18
CA LEU C 290 -9.42 32.72 17.91
C LEU C 290 -10.59 33.62 17.69
N ARG C 291 -11.71 32.98 17.48
CA ARG C 291 -12.90 33.69 17.14
C ARG C 291 -13.84 33.92 18.30
N GLY C 292 -14.00 35.20 18.65
CA GLY C 292 -14.92 35.61 19.70
C GLY C 292 -14.28 35.52 21.06
N VAL C 293 -12.99 35.82 21.13
CA VAL C 293 -12.26 35.72 22.37
C VAL C 293 -11.52 36.98 22.80
N SER C 294 -11.87 37.48 23.98
CA SER C 294 -11.25 38.70 24.47
C SER C 294 -9.79 38.43 24.66
N ARG C 295 -9.01 39.49 24.76
CA ARG C 295 -7.59 39.33 25.03
C ARG C 295 -7.43 38.83 26.47
N GLU C 296 -8.55 38.74 27.16
CA GLU C 296 -8.58 38.31 28.55
C GLU C 296 -8.94 36.85 28.56
N GLU C 297 -9.93 36.52 27.77
CA GLU C 297 -10.38 35.17 27.72
C GLU C 297 -9.32 34.10 27.39
N VAL C 298 -8.15 34.56 26.94
CA VAL C 298 -7.08 33.63 26.64
C VAL C 298 -5.71 34.11 27.13
N GLU C 299 -4.97 33.22 27.79
CA GLU C 299 -3.64 33.60 28.30
C GLU C 299 -2.60 32.52 28.28
N ARG C 300 -1.35 32.98 28.30
CA ARG C 300 -0.19 32.08 28.34
C ARG C 300 -0.38 31.00 29.41
N GLY C 301 0.01 29.78 29.12
CA GLY C 301 -0.24 28.77 30.13
C GLY C 301 -1.47 27.97 29.87
N GLN C 302 -2.50 28.52 29.21
CA GLN C 302 -3.60 27.63 28.88
C GLN C 302 -3.28 26.79 27.68
N VAL C 303 -4.18 25.87 27.37
CA VAL C 303 -3.87 25.09 26.23
C VAL C 303 -5.07 25.13 25.37
N LEU C 304 -4.83 24.95 24.08
CA LEU C 304 -5.94 24.89 23.20
C LEU C 304 -5.93 23.48 22.81
N ALA C 305 -7.10 22.85 22.79
CA ALA C 305 -7.08 21.49 22.28
C ALA C 305 -8.34 20.99 21.67
N LYS C 306 -8.20 19.92 20.89
CA LYS C 306 -9.38 19.26 20.36
C LYS C 306 -10.39 19.10 21.47
N PRO C 307 -11.57 19.55 21.20
CA PRO C 307 -12.59 19.60 22.20
C PRO C 307 -12.80 18.30 22.91
N GLY C 308 -12.98 18.43 24.22
CA GLY C 308 -13.19 17.33 25.16
C GLY C 308 -11.91 16.51 25.32
N SER C 309 -10.80 16.91 24.72
CA SER C 309 -9.64 16.05 24.79
C SER C 309 -8.83 16.06 26.09
N ILE C 310 -8.98 17.10 26.87
CA ILE C 310 -8.21 17.26 28.11
C ILE C 310 -9.01 18.12 29.08
N THR C 311 -8.80 17.87 30.37
CA THR C 311 -9.58 18.51 31.40
C THR C 311 -8.67 19.29 32.31
N PRO C 312 -9.26 20.25 32.97
CA PRO C 312 -8.58 21.13 33.88
C PRO C 312 -8.72 20.57 35.27
N HIS C 313 -7.73 20.85 36.10
CA HIS C 313 -7.74 20.29 37.40
C HIS C 313 -6.81 21.05 38.30
N THR C 314 -6.80 20.66 39.57
CA THR C 314 -5.95 21.24 40.59
C THR C 314 -5.34 20.23 41.55
N LYS C 315 -5.98 19.11 41.75
CA LYS C 315 -5.41 18.09 42.61
C LYS C 315 -4.91 16.93 41.82
N PHE C 316 -3.66 16.59 42.02
CA PHE C 316 -3.10 15.45 41.32
C PHE C 316 -2.01 14.78 42.09
N GLU C 317 -1.66 13.58 41.67
CA GLU C 317 -0.59 12.84 42.33
C GLU C 317 0.53 12.77 41.33
N ALA C 318 1.76 12.81 41.81
CA ALA C 318 2.94 12.79 40.94
C ALA C 318 4.16 12.02 41.51
N SER C 319 4.95 11.44 40.62
CA SER C 319 6.19 10.82 40.94
C SER C 319 7.28 11.82 40.60
N VAL C 320 8.12 12.12 41.57
CA VAL C 320 9.05 13.22 41.43
C VAL C 320 10.45 12.90 41.90
N TYR C 321 11.37 13.70 41.43
CA TYR C 321 12.74 13.53 41.80
C TYR C 321 13.23 14.92 42.16
N ILE C 322 13.87 15.04 43.34
CA ILE C 322 14.33 16.30 43.89
C ILE C 322 15.80 16.45 43.81
N LEU C 323 16.20 17.53 43.16
CA LEU C 323 17.58 17.76 42.81
C LEU C 323 18.38 17.74 44.07
N LYS C 324 19.64 17.44 43.91
CA LYS C 324 20.57 17.51 44.98
C LYS C 324 21.01 18.95 45.04
N LYS C 325 21.68 19.30 46.12
CA LYS C 325 22.22 20.61 46.23
C LYS C 325 23.29 20.73 45.17
N GLU C 326 24.19 19.75 45.13
CA GLU C 326 25.25 19.70 44.12
C GLU C 326 24.70 19.88 42.69
N GLU C 327 23.44 19.50 42.46
CA GLU C 327 22.85 19.71 41.13
C GLU C 327 22.12 20.98 41.03
N GLY C 328 22.25 21.83 42.02
CA GLY C 328 21.57 23.12 41.98
C GLY C 328 20.19 23.17 42.55
N GLY C 329 19.81 22.22 43.40
CA GLY C 329 18.45 22.24 43.93
C GLY C 329 18.41 22.79 45.36
N ARG C 330 17.34 22.47 46.10
CA ARG C 330 17.28 22.85 47.48
C ARG C 330 18.51 22.35 48.23
N HIS C 331 18.71 22.77 49.47
CA HIS C 331 19.92 22.39 50.20
C HIS C 331 19.48 21.86 51.58
N THR C 332 18.17 21.95 51.86
CA THR C 332 17.55 21.41 53.06
C THR C 332 16.26 20.79 52.54
N GLY C 333 15.61 19.97 53.35
CA GLY C 333 14.46 19.23 52.88
C GLY C 333 13.18 19.92 53.18
N PHE C 334 12.05 19.25 53.00
CA PHE C 334 10.82 19.89 53.28
C PHE C 334 9.78 18.90 53.72
N PHE C 335 8.70 19.47 54.21
CA PHE C 335 7.63 18.70 54.76
C PHE C 335 6.40 18.97 53.96
N THR C 336 5.34 18.31 54.38
CA THR C 336 4.09 18.46 53.74
C THR C 336 3.77 19.89 54.01
N GLY C 337 3.22 20.56 53.02
CA GLY C 337 2.99 21.98 53.23
C GLY C 337 3.99 22.74 52.35
N TYR C 338 5.06 22.11 51.88
CA TYR C 338 5.97 22.71 50.89
C TYR C 338 5.09 23.22 49.68
N ARG C 339 5.36 24.44 49.19
CA ARG C 339 4.53 25.11 48.19
C ARG C 339 5.30 25.86 47.16
N PRO C 340 6.06 25.13 46.39
CA PRO C 340 6.84 25.73 45.34
C PRO C 340 5.92 26.16 44.19
N GLN C 341 6.49 26.28 43.00
CA GLN C 341 5.75 26.65 41.83
C GLN C 341 5.79 25.43 40.97
N PHE C 342 4.67 25.08 40.34
CA PHE C 342 4.69 23.96 39.42
C PHE C 342 4.63 24.48 38.01
N TYR C 343 5.65 24.16 37.23
CA TYR C 343 5.79 24.69 35.92
C TYR C 343 5.31 23.74 34.95
N PHE C 344 4.11 24.01 34.51
CA PHE C 344 3.46 23.19 33.54
C PHE C 344 3.51 23.82 32.19
N ARG C 345 4.26 23.16 31.30
CA ARG C 345 4.37 23.51 29.91
C ARG C 345 5.01 24.87 29.76
N THR C 346 4.26 25.93 30.02
CA THR C 346 4.84 27.23 29.81
C THR C 346 4.90 28.09 31.00
N THR C 347 4.25 27.72 32.09
CA THR C 347 4.33 28.59 33.22
C THR C 347 4.18 27.93 34.50
N ASP C 348 4.58 28.71 35.49
CA ASP C 348 4.53 28.33 36.90
C ASP C 348 3.11 28.37 37.43
N VAL C 349 2.77 27.48 38.34
CA VAL C 349 1.48 27.57 38.95
C VAL C 349 1.78 27.02 40.30
N THR C 350 1.49 27.84 41.27
CA THR C 350 1.79 27.48 42.62
C THR C 350 1.03 26.27 43.03
N GLY C 351 1.62 25.53 43.95
CA GLY C 351 0.90 24.41 44.53
C GLY C 351 1.46 24.00 45.85
N VAL C 352 0.61 23.42 46.68
CA VAL C 352 1.02 22.91 47.99
C VAL C 352 1.09 21.42 47.91
N VAL C 353 2.16 20.89 48.51
CA VAL C 353 2.42 19.47 48.56
C VAL C 353 1.98 18.77 49.82
N ARG C 354 1.60 17.52 49.63
CA ARG C 354 1.29 16.72 50.78
C ARG C 354 1.97 15.40 50.62
N LEU C 355 2.93 15.17 51.51
CA LEU C 355 3.66 13.92 51.64
C LEU C 355 2.72 12.82 52.12
N PRO C 356 2.93 11.61 51.58
CA PRO C 356 2.22 10.41 51.93
C PRO C 356 2.68 9.81 53.26
N GLN C 357 1.80 8.99 53.84
CA GLN C 357 2.10 8.39 55.13
C GLN C 357 3.35 7.65 55.00
N GLY C 358 4.25 7.92 55.94
CA GLY C 358 5.48 7.20 55.88
C GLY C 358 6.49 8.12 55.41
N VAL C 359 6.05 9.17 54.73
CA VAL C 359 6.99 10.21 54.39
C VAL C 359 6.75 11.37 55.30
N GLU C 360 7.84 11.87 55.86
CA GLU C 360 7.70 12.97 56.77
C GLU C 360 8.47 14.21 56.37
N MET C 361 9.60 14.02 55.70
CA MET C 361 10.41 15.12 55.20
C MET C 361 11.09 14.62 53.91
N VAL C 362 11.11 15.41 52.84
CA VAL C 362 11.72 14.90 51.63
C VAL C 362 13.01 15.59 51.52
N MET C 363 14.06 14.90 51.06
CA MET C 363 15.37 15.55 50.95
C MET C 363 15.93 15.71 49.59
N PRO C 364 16.86 16.63 49.48
CA PRO C 364 17.49 16.86 48.22
C PRO C 364 18.10 15.54 47.77
N GLY C 365 17.77 15.12 46.56
CA GLY C 365 18.30 13.91 45.96
C GLY C 365 17.24 12.79 45.97
N ASP C 366 16.18 12.95 46.74
CA ASP C 366 15.16 11.91 46.89
C ASP C 366 14.37 11.86 45.67
N ASN C 367 13.52 10.86 45.61
CA ASN C 367 12.57 10.78 44.53
C ASN C 367 11.39 10.06 45.16
N VAL C 368 10.23 10.64 45.04
CA VAL C 368 9.14 10.17 45.84
C VAL C 368 7.92 10.48 45.11
N THR C 369 6.84 10.27 45.80
CA THR C 369 5.56 10.34 45.21
C THR C 369 4.70 11.01 46.21
N PHE C 370 4.04 12.09 45.82
CA PHE C 370 3.14 12.76 46.72
C PHE C 370 2.04 13.36 45.91
N THR C 371 1.16 14.07 46.58
CA THR C 371 0.09 14.78 45.92
C THR C 371 0.42 16.28 46.02
N VAL C 372 -0.26 17.05 45.19
CA VAL C 372 -0.07 18.50 45.13
C VAL C 372 -1.41 19.01 44.92
N GLU C 373 -1.64 20.27 45.27
CA GLU C 373 -2.96 20.87 44.98
C GLU C 373 -2.70 22.27 44.56
N LEU C 374 -3.08 22.61 43.33
CA LEU C 374 -2.70 23.88 42.71
C LEU C 374 -3.63 25.00 42.97
N ILE C 375 -3.12 26.21 42.86
CA ILE C 375 -3.98 27.37 43.09
C ILE C 375 -5.02 27.57 42.02
N LYS C 376 -4.66 27.39 40.78
CA LYS C 376 -5.67 27.45 39.73
C LYS C 376 -5.63 26.14 38.99
N PRO C 377 -6.64 25.89 38.21
CA PRO C 377 -6.67 24.66 37.47
C PRO C 377 -5.71 24.76 36.33
N VAL C 378 -5.43 23.59 35.75
CA VAL C 378 -4.49 23.49 34.66
C VAL C 378 -4.86 22.26 33.83
N ALA C 379 -4.56 22.31 32.53
CA ALA C 379 -4.99 21.22 31.69
C ALA C 379 -4.01 20.17 32.03
N LEU C 380 -4.47 19.20 32.84
CA LEU C 380 -3.61 18.13 33.28
C LEU C 380 -4.05 16.78 32.81
N GLU C 381 -3.05 15.93 32.54
CA GLU C 381 -3.30 14.52 32.24
C GLU C 381 -2.14 13.71 32.76
N GLU C 382 -2.48 12.49 33.13
CA GLU C 382 -1.49 11.51 33.56
C GLU C 382 -0.40 11.46 32.51
N GLY C 383 0.86 11.45 32.94
CA GLY C 383 1.97 11.40 32.02
C GLY C 383 2.49 12.80 31.77
N LEU C 384 1.65 13.81 32.03
CA LEU C 384 2.07 15.20 31.90
C LEU C 384 3.30 15.36 32.76
N ARG C 385 4.39 15.75 32.14
CA ARG C 385 5.66 15.95 32.85
C ARG C 385 5.72 17.41 33.36
N PHE C 386 6.56 17.75 34.33
CA PHE C 386 6.64 19.11 34.87
C PHE C 386 7.87 19.40 35.63
N ALA C 387 8.02 20.66 36.02
CA ALA C 387 9.18 21.05 36.82
C ALA C 387 8.74 21.68 38.09
N ILE C 388 9.63 21.60 39.08
CA ILE C 388 9.37 22.20 40.38
C ILE C 388 10.40 23.26 40.53
N ARG C 389 9.89 24.48 40.66
CA ARG C 389 10.77 25.64 40.77
C ARG C 389 10.69 26.51 42.01
N GLU C 390 11.84 27.06 42.30
CA GLU C 390 12.00 27.95 43.40
C GLU C 390 12.76 29.11 42.75
N GLY C 391 12.05 30.24 42.59
CA GLY C 391 12.56 31.44 41.97
C GLY C 391 13.17 31.19 40.57
N GLY C 392 12.44 30.52 39.67
CA GLY C 392 12.98 30.28 38.33
C GLY C 392 13.93 29.12 38.25
N ARG C 393 14.57 28.79 39.37
CA ARG C 393 15.44 27.63 39.40
C ARG C 393 14.62 26.39 39.50
N THR C 394 15.08 25.36 38.84
CA THR C 394 14.42 24.06 38.87
C THR C 394 14.97 23.35 40.11
N VAL C 395 14.10 22.91 41.02
CA VAL C 395 14.57 22.18 42.20
C VAL C 395 14.13 20.74 42.13
N GLY C 396 13.30 20.42 41.15
CA GLY C 396 12.84 19.05 40.98
C GLY C 396 12.08 18.82 39.65
N ALA C 397 11.78 17.58 39.35
CA ALA C 397 11.11 17.30 38.12
C ALA C 397 10.18 16.22 38.42
N GLY C 398 8.95 16.29 37.93
CA GLY C 398 8.04 15.17 38.17
C GLY C 398 7.18 14.73 36.94
N VAL C 399 6.29 13.76 37.11
CA VAL C 399 5.38 13.33 36.08
C VAL C 399 4.03 13.18 36.73
N VAL C 400 2.98 13.63 36.09
CA VAL C 400 1.69 13.49 36.70
C VAL C 400 1.27 12.01 36.64
N THR C 401 0.90 11.39 37.77
CA THR C 401 0.48 9.98 37.81
C THR C 401 -1.01 9.77 38.09
N LYS C 402 -1.68 10.71 38.73
CA LYS C 402 -3.09 10.47 38.92
C LYS C 402 -3.81 11.73 39.24
N ILE C 403 -5.03 11.79 38.72
CA ILE C 403 -5.88 12.92 38.92
C ILE C 403 -6.78 12.57 40.02
N LEU C 404 -7.04 13.52 40.83
CA LEU C 404 -7.86 13.29 41.95
C LEU C 404 -9.04 14.22 41.79
N GLU C 405 -8.85 15.24 40.95
CA GLU C 405 -9.92 16.21 40.68
C GLU C 405 -9.43 17.49 40.06
MG MG D . -27.67 -40.21 -3.60
PB GDP E . -27.55 -43.71 -3.19
O1B GDP E . -26.05 -43.82 -3.20
O2B GDP E . -28.29 -42.40 -3.32
O3B GDP E . -28.09 -44.45 -4.39
O3A GDP E . -28.16 -44.51 -2.09
PA GDP E . -29.36 -44.79 -1.24
O1A GDP E . -30.49 -44.07 -1.87
O2A GDP E . -28.95 -44.40 0.16
O5' GDP E . -29.69 -46.35 -1.12
C5' GDP E . -30.47 -47.15 -2.00
C4' GDP E . -31.20 -48.18 -1.16
O4' GDP E . -30.19 -48.62 -0.23
C3' GDP E . -32.33 -47.62 -0.30
O3' GDP E . -33.43 -48.41 -0.46
C2' GDP E . -31.78 -47.72 1.14
O2' GDP E . -32.83 -47.77 2.09
C1' GDP E . -30.84 -48.93 1.01
N9 GDP E . -29.83 -49.22 2.09
C8 GDP E . -28.92 -48.23 2.45
N7 GDP E . -28.10 -48.53 3.40
C5 GDP E . -28.35 -49.85 3.64
C6 GDP E . -27.75 -50.66 4.62
O6 GDP E . -26.80 -50.34 5.35
N1 GDP E . -28.15 -51.98 4.40
C2 GDP E . -29.15 -52.36 3.54
N2 GDP E . -29.55 -53.63 3.54
N3 GDP E . -29.75 -51.57 2.66
C4 GDP E . -29.34 -50.30 2.80
MG MG F . -10.19 21.74 -33.91
PB GDP G . -9.98 23.32 -37.04
O1B GDP G . -8.58 23.96 -37.12
O2B GDP G . -10.20 22.16 -36.33
O3B GDP G . -11.07 24.19 -36.29
O3A GDP G . -10.56 22.93 -38.33
PA GDP G . -11.41 21.80 -38.84
O1A GDP G . -12.58 21.83 -38.00
O2A GDP G . -10.59 20.57 -38.90
O5' GDP G . -12.02 22.14 -40.26
C5' GDP G . -12.66 23.42 -40.49
C4' GDP G . -13.33 23.37 -41.87
O4' GDP G . -12.26 23.01 -42.80
C3' GDP G . -14.35 22.26 -42.00
O3' GDP G . -15.55 22.71 -42.50
C2' GDP G . -13.65 21.16 -42.84
O2' GDP G . -14.55 20.53 -43.69
C1' GDP G . -12.74 22.02 -43.69
N9 GDP G . -11.65 21.29 -44.34
C8 GDP G . -10.73 20.60 -43.59
N7 GDP G . -9.71 20.13 -44.28
C5 GDP G . -9.99 20.45 -45.60
C6 GDP G . -9.25 20.18 -46.75
O6 GDP G . -8.24 19.48 -46.88
N1 GDP G . -9.72 20.88 -47.84
C2 GDP G . -10.86 21.64 -47.79
N2 GDP G . -11.34 22.09 -48.96
N3 GDP G . -11.53 21.93 -46.70
C4 GDP G . -11.09 21.25 -45.62
MG MG H . 24.95 -0.59 32.16
PB GDP I . 24.56 -3.86 33.80
O1B GDP I . 23.13 -4.23 34.03
O2B GDP I . 25.09 -2.76 32.90
O3B GDP I . 25.12 -3.43 35.23
O3A GDP I . 25.24 -5.16 33.29
PA GDP I . 26.39 -5.68 32.44
O1A GDP I . 27.46 -4.66 32.38
O2A GDP I . 25.83 -5.93 31.11
O5' GDP I . 27.14 -7.01 32.78
C5' GDP I . 27.27 -7.36 34.10
C4' GDP I . 28.35 -8.42 34.17
O4' GDP I . 27.66 -9.66 33.81
C3' GDP I . 29.47 -8.27 33.17
O3' GDP I . 30.76 -8.65 33.73
C2' GDP I . 29.14 -9.25 32.01
O2' GDP I . 30.39 -9.71 31.48
C1' GDP I . 28.29 -10.33 32.71
N9 GDP I . 27.37 -11.27 32.02
C8 GDP I . 26.53 -10.65 31.10
N7 GDP I . 25.65 -11.46 30.57
C5 GDP I . 26.02 -12.74 30.98
C6 GDP I . 25.48 -14.01 30.63
O6 GDP I . 24.54 -14.25 29.88
N1 GDP I . 25.93 -15.00 31.48
C2 GDP I . 26.93 -14.81 32.40
N2 GDP I . 27.33 -15.87 33.13
N3 GDP I . 27.50 -13.64 32.64
C4 GDP I . 26.98 -12.62 31.95
#